data_3ZOS
#
_entry.id   3ZOS
#
_cell.length_a   68.951
_cell.length_b   61.733
_cell.length_c   80.193
_cell.angle_alpha   90.00
_cell.angle_beta   104.40
_cell.angle_gamma   90.00
#
_symmetry.space_group_name_H-M   'P 1 21 1'
#
loop_
_entity.id
_entity.type
_entity.pdbx_description
1 polymer 'EPITHELIAL DISCOIDIN DOMAIN-CONTAINING RECEPTOR 1'
2 non-polymer '3-(imidazo[1,2-b]pyridazin-3-ylethynyl)-4-methyl-N-{4-[(4-methylpiperazin-1-yl)methyl]-3-(trifluoromethyl)phenyl}benzam ide'
3 non-polymer 1,2-ETHANEDIOL
4 water water
#
_entity_poly.entity_id   1
_entity_poly.type   'polypeptide(L)'
_entity_poly.pdbx_seq_one_letter_code
;SMPRVDFPRSRLRFKEKLGEGQFGEVHLCEVDSPQDLVSLDFPLNVRKGHPLLVAVKILRPDATKNARNDFLKEVKIMSR
LKDPNIIRLLGVCVQDDPLCMITDYMENGDLNQFLSAHQLEDKAAEGAPGDGQAAQGPTISYPMLLHVAAQIASGMRYLA
TLNFVHRDLATRNCLVGENFTIKIADFGMSRNLYAGDYYRVQGRAVLPIRWMAWECILMGKFTTASDVWAFGVTLWEVLM
LCRAQPFGQLTDEQVIENAGEFFRDQGRQVYLSRPPACPQGLYELMLRCWSRESEQRPPFSQLHRFLAEDALNTV
;
_entity_poly.pdbx_strand_id   A,B
#
loop_
_chem_comp.id
_chem_comp.type
_chem_comp.name
_chem_comp.formula
0LI non-polymer '3-(imidazo[1,2-b]pyridazin-3-ylethynyl)-4-methyl-N-{4-[(4-methylpiperazin-1-yl)methyl]-3-(trifluoromethyl)phenyl}benzam ide' 'C29 H27 F3 N6 O'
EDO non-polymer 1,2-ETHANEDIOL 'C2 H6 O2'
#
# COMPACT_ATOMS: atom_id res chain seq x y z
N ARG A 4 -24.50 1.60 23.97
CA ARG A 4 -23.02 1.68 23.74
C ARG A 4 -22.24 1.02 24.88
N VAL A 5 -22.19 -0.30 24.84
CA VAL A 5 -21.36 -1.11 25.75
C VAL A 5 -20.66 -2.22 24.95
N ASP A 6 -19.51 -2.67 25.43
CA ASP A 6 -18.75 -3.69 24.72
C ASP A 6 -19.49 -5.01 24.74
N PHE A 7 -19.36 -5.76 23.67
CA PHE A 7 -19.72 -7.16 23.65
C PHE A 7 -18.74 -7.92 24.56
N PRO A 8 -19.21 -8.92 25.32
CA PRO A 8 -18.29 -9.65 26.22
C PRO A 8 -17.33 -10.61 25.50
N ARG A 9 -16.05 -10.23 25.46
CA ARG A 9 -15.02 -11.04 24.76
C ARG A 9 -14.95 -12.51 25.18
N SER A 10 -15.19 -12.78 26.47
CA SER A 10 -15.10 -14.16 27.00
C SER A 10 -16.13 -15.10 26.34
N ARG A 11 -17.15 -14.54 25.71
CA ARG A 11 -18.17 -15.34 25.04
C ARG A 11 -17.83 -15.70 23.59
N LEU A 12 -16.72 -15.18 23.09
CA LEU A 12 -16.29 -15.48 21.73
C LEU A 12 -15.40 -16.74 21.74
N ARG A 13 -15.94 -17.85 21.26
CA ARG A 13 -15.18 -19.12 21.29
C ARG A 13 -14.55 -19.34 19.95
N PHE A 14 -13.23 -19.36 19.91
CA PHE A 14 -12.47 -19.51 18.66
C PHE A 14 -12.77 -20.79 17.90
N LYS A 15 -12.94 -20.72 16.58
CA LYS A 15 -13.07 -21.91 15.76
C LYS A 15 -11.96 -22.02 14.73
N GLU A 16 -11.71 -20.98 13.95
CA GLU A 16 -10.58 -20.97 13.00
C GLU A 16 -10.26 -19.59 12.44
N LYS A 17 -9.08 -19.46 11.82
CA LYS A 17 -8.65 -18.19 11.25
C LYS A 17 -9.20 -18.03 9.85
N LEU A 18 -9.85 -16.90 9.61
CA LEU A 18 -10.36 -16.58 8.29
C LEU A 18 -9.38 -15.73 7.50
N GLY A 19 -8.45 -15.09 8.18
CA GLY A 19 -7.47 -14.27 7.44
C GLY A 19 -6.43 -13.68 8.37
N GLU A 20 -5.33 -13.23 7.79
CA GLU A 20 -4.28 -12.61 8.60
C GLU A 20 -3.55 -11.58 7.77
N GLY A 21 -3.11 -10.52 8.43
CA GLY A 21 -2.31 -9.50 7.76
C GLY A 21 -1.38 -8.78 8.71
N GLN A 22 -0.84 -7.66 8.28
CA GLN A 22 0.19 -6.98 9.07
C GLN A 22 -0.30 -6.52 10.45
N PHE A 23 -1.57 -6.19 10.56
CA PHE A 23 -2.10 -5.49 11.74
C PHE A 23 -3.06 -6.30 12.60
N GLY A 24 -3.31 -7.54 12.22
CA GLY A 24 -4.09 -8.43 13.07
C GLY A 24 -4.61 -9.64 12.33
N GLU A 25 -5.80 -10.11 12.68
CA GLU A 25 -6.41 -11.27 12.03
C GLU A 25 -7.97 -11.18 11.97
N VAL A 26 -8.56 -12.04 11.14
CA VAL A 26 -10.01 -12.28 11.16
C VAL A 26 -10.22 -13.73 11.67
N HIS A 27 -11.08 -13.90 12.69
CA HIS A 27 -11.40 -15.22 13.23
C HIS A 27 -12.87 -15.57 13.04
N LEU A 28 -13.14 -16.85 12.81
CA LEU A 28 -14.46 -17.43 12.93
C LEU A 28 -14.65 -17.83 14.38
N CYS A 29 -15.68 -17.30 15.03
CA CYS A 29 -15.99 -17.65 16.41
C CYS A 29 -17.43 -18.15 16.58
N GLU A 30 -17.69 -18.91 17.64
CA GLU A 30 -19.04 -19.20 18.08
C GLU A 30 -19.33 -18.40 19.35
N VAL A 31 -20.55 -17.86 19.44
CA VAL A 31 -20.95 -17.09 20.62
C VAL A 31 -21.55 -18.11 21.60
N ASP A 32 -20.97 -18.17 22.78
CA ASP A 32 -21.43 -19.06 23.84
C ASP A 32 -22.81 -18.60 24.34
N SER A 33 -23.73 -19.55 24.42
CA SER A 33 -25.13 -19.31 24.88
C SER A 33 -25.68 -17.92 24.49
N PRO A 34 -25.82 -17.63 23.19
CA PRO A 34 -26.20 -16.27 22.73
C PRO A 34 -27.56 -15.73 23.30
N GLN A 35 -28.48 -16.63 23.65
CA GLN A 35 -29.78 -16.21 24.20
C GLN A 35 -29.64 -15.38 25.48
N ASP A 36 -28.60 -15.63 26.29
CA ASP A 36 -28.27 -14.83 27.50
C ASP A 36 -28.05 -13.34 27.26
N LEU A 37 -27.75 -13.00 26.02
CA LEU A 37 -27.29 -11.66 25.69
C LEU A 37 -28.42 -10.81 25.12
N VAL A 38 -29.47 -11.47 24.63
CA VAL A 38 -30.52 -10.79 23.87
C VAL A 38 -31.21 -9.73 24.73
N SER A 39 -31.23 -8.50 24.23
CA SER A 39 -31.78 -7.35 24.93
C SER A 39 -31.79 -6.15 23.98
N LEU A 40 -32.25 -5.00 24.47
CA LEU A 40 -32.12 -3.75 23.72
C LEU A 40 -30.66 -3.46 23.37
N ASP A 41 -29.76 -3.67 24.34
CA ASP A 41 -28.34 -3.43 24.09
C ASP A 41 -27.79 -4.33 22.95
N PHE A 42 -28.21 -5.60 22.95
CA PHE A 42 -27.83 -6.53 21.89
C PHE A 42 -29.10 -7.25 21.36
N PRO A 43 -29.84 -6.61 20.44
CA PRO A 43 -31.07 -7.26 19.93
C PRO A 43 -30.75 -8.28 18.82
N LEU A 44 -29.90 -9.25 19.14
CA LEU A 44 -29.45 -10.23 18.15
C LEU A 44 -30.51 -11.29 17.83
N ASN A 45 -30.32 -11.87 16.64
CA ASN A 45 -31.17 -12.95 16.13
C ASN A 45 -30.55 -14.30 16.48
N VAL A 46 -31.15 -14.98 17.44
CA VAL A 46 -30.79 -16.37 17.75
C VAL A 46 -31.88 -17.34 17.28
N ARG A 47 -31.46 -18.40 16.60
CA ARG A 47 -32.38 -19.48 16.20
C ARG A 47 -32.13 -20.67 17.12
N LYS A 48 -33.14 -21.05 17.90
CA LYS A 48 -33.02 -22.17 18.86
C LYS A 48 -32.61 -23.47 18.15
N GLY A 49 -31.50 -24.06 18.57
CA GLY A 49 -30.98 -25.28 17.94
C GLY A 49 -29.94 -25.00 16.87
N HIS A 50 -29.57 -23.72 16.72
CA HIS A 50 -28.60 -23.33 15.71
C HIS A 50 -27.52 -22.44 16.35
N PRO A 51 -26.23 -22.84 16.22
CA PRO A 51 -25.19 -22.02 16.81
C PRO A 51 -25.14 -20.65 16.16
N LEU A 52 -24.79 -19.64 16.92
CA LEU A 52 -24.54 -18.33 16.38
C LEU A 52 -23.06 -18.20 16.04
N LEU A 53 -22.75 -18.24 14.74
CA LEU A 53 -21.38 -18.03 14.25
C LEU A 53 -21.18 -16.57 13.90
N VAL A 54 -20.02 -16.03 14.26
CA VAL A 54 -19.65 -14.66 13.92
C VAL A 54 -18.21 -14.55 13.40
N ALA A 55 -17.92 -13.50 12.65
CA ALA A 55 -16.57 -13.19 12.20
C ALA A 55 -16.03 -12.08 13.11
N VAL A 56 -14.76 -12.15 13.46
CA VAL A 56 -14.18 -11.17 14.37
C VAL A 56 -12.86 -10.65 13.80
N LYS A 57 -12.82 -9.35 13.49
CA LYS A 57 -11.57 -8.64 13.15
C LYS A 57 -10.92 -8.18 14.45
N ILE A 58 -9.63 -8.49 14.62
CA ILE A 58 -8.91 -8.26 15.87
C ILE A 58 -7.58 -7.56 15.60
N LEU A 59 -7.35 -6.47 16.32
CA LEU A 59 -6.15 -5.65 16.13
C LEU A 59 -5.06 -6.18 17.04
N ARG A 60 -3.86 -6.43 16.49
CA ARG A 60 -2.72 -6.85 17.31
C ARG A 60 -2.55 -5.83 18.45
N PRO A 61 -2.36 -6.30 19.70
CA PRO A 61 -2.25 -5.39 20.86
C PRO A 61 -1.07 -4.41 20.84
N ASP A 62 -0.02 -4.70 20.07
CA ASP A 62 1.13 -3.81 19.96
C ASP A 62 1.05 -2.93 18.71
N ALA A 63 -0.17 -2.68 18.24
CA ALA A 63 -0.41 -1.86 17.06
C ALA A 63 -0.04 -0.41 17.33
N THR A 64 0.43 0.31 16.30
CA THR A 64 0.75 1.74 16.43
C THR A 64 -0.54 2.54 16.67
N LYS A 65 -0.38 3.74 17.21
CA LYS A 65 -1.51 4.63 17.45
C LYS A 65 -2.28 4.94 16.17
N ASN A 66 -1.56 5.14 15.06
CA ASN A 66 -2.26 5.35 13.78
C ASN A 66 -3.05 4.10 13.30
N ALA A 67 -2.55 2.90 13.57
CA ALA A 67 -3.30 1.69 13.26
C ALA A 67 -4.60 1.62 14.09
N ARG A 68 -4.51 1.97 15.38
CA ARG A 68 -5.69 2.00 16.26
C ARG A 68 -6.76 2.98 15.76
N ASN A 69 -6.35 4.21 15.38
CA ASN A 69 -7.25 5.20 14.81
C ASN A 69 -7.92 4.69 13.52
N ASP A 70 -7.15 4.02 12.67
CA ASP A 70 -7.70 3.33 11.47
C ASP A 70 -8.80 2.32 11.85
N PHE A 71 -8.49 1.43 12.79
CA PHE A 71 -9.46 0.45 13.28
C PHE A 71 -10.76 1.13 13.82
N LEU A 72 -10.62 2.21 14.59
CA LEU A 72 -11.75 2.88 15.22
C LEU A 72 -12.60 3.64 14.21
N LYS A 73 -11.94 4.17 13.19
CA LYS A 73 -12.59 4.79 12.09
C LYS A 73 -13.45 3.78 11.32
N GLU A 74 -12.90 2.58 11.14
CA GLU A 74 -13.64 1.50 10.48
C GLU A 74 -14.87 1.10 11.30
N VAL A 75 -14.73 1.07 12.62
CA VAL A 75 -15.88 0.77 13.52
C VAL A 75 -17.03 1.74 13.31
N LYS A 76 -16.69 3.02 13.23
CA LYS A 76 -17.67 4.10 13.04
C LYS A 76 -18.42 3.91 11.71
N ILE A 77 -17.68 3.67 10.63
CA ILE A 77 -18.27 3.39 9.34
C ILE A 77 -19.22 2.19 9.40
N MET A 78 -18.73 1.07 9.93
CA MET A 78 -19.49 -0.19 9.98
C MET A 78 -20.78 -0.01 10.82
N SER A 79 -20.70 0.76 11.92
CA SER A 79 -21.86 1.00 12.80
C SER A 79 -23.05 1.64 12.08
N ARG A 80 -22.78 2.29 10.95
CA ARG A 80 -23.83 2.91 10.16
C ARG A 80 -24.45 2.03 9.07
N LEU A 81 -23.80 0.94 8.69
CA LEU A 81 -24.22 0.14 7.54
C LEU A 81 -25.33 -0.86 7.84
N LYS A 82 -26.53 -0.62 7.32
CA LYS A 82 -27.69 -1.46 7.61
C LYS A 82 -28.48 -1.75 6.34
N ASP A 83 -28.09 -2.81 5.64
CA ASP A 83 -28.65 -3.15 4.34
C ASP A 83 -28.54 -4.65 4.12
N PRO A 84 -29.55 -5.25 3.46
CA PRO A 84 -29.49 -6.71 3.22
C PRO A 84 -28.25 -7.19 2.46
N ASN A 85 -27.65 -6.33 1.64
CA ASN A 85 -26.47 -6.73 0.84
C ASN A 85 -25.14 -6.08 1.27
N ILE A 86 -25.08 -5.63 2.52
CA ILE A 86 -23.83 -5.18 3.15
C ILE A 86 -23.62 -5.98 4.47
N ILE A 87 -22.37 -6.38 4.70
CA ILE A 87 -21.95 -7.03 5.94
C ILE A 87 -22.39 -6.15 7.15
N ARG A 88 -22.85 -6.82 8.19
CA ARG A 88 -23.50 -6.16 9.35
C ARG A 88 -22.65 -6.28 10.59
N LEU A 89 -22.42 -5.16 11.27
CA LEU A 89 -21.77 -5.12 12.59
C LEU A 89 -22.74 -5.53 13.70
N LEU A 90 -22.34 -6.52 14.49
CA LEU A 90 -23.13 -7.04 15.62
C LEU A 90 -22.67 -6.52 16.97
N GLY A 91 -21.38 -6.21 17.10
CA GLY A 91 -20.86 -5.68 18.35
C GLY A 91 -19.37 -5.37 18.25
N VAL A 92 -18.86 -4.72 19.26
CA VAL A 92 -17.44 -4.39 19.33
C VAL A 92 -16.89 -4.65 20.70
N CYS A 93 -15.56 -4.79 20.77
CA CYS A 93 -14.86 -4.75 22.06
C CYS A 93 -13.77 -3.70 21.96
N VAL A 94 -13.99 -2.53 22.55
CA VAL A 94 -13.03 -1.43 22.39
C VAL A 94 -12.63 -0.71 23.69
N GLN A 95 -13.27 -1.03 24.82
CA GLN A 95 -12.93 -0.41 26.10
C GLN A 95 -11.61 -0.93 26.65
N ASP A 96 -11.19 -2.11 26.18
CA ASP A 96 -9.87 -2.64 26.49
C ASP A 96 -9.34 -3.44 25.29
N ASP A 97 -8.10 -3.91 25.38
CA ASP A 97 -7.43 -4.57 24.26
C ASP A 97 -7.53 -6.09 24.33
N PRO A 98 -7.45 -6.77 23.18
CA PRO A 98 -7.26 -6.24 21.83
C PRO A 98 -8.60 -5.73 21.26
N LEU A 99 -8.54 -4.69 20.43
CA LEU A 99 -9.75 -4.15 19.85
C LEU A 99 -10.34 -5.19 18.90
N CYS A 100 -11.67 -5.31 18.90
CA CYS A 100 -12.38 -6.30 18.08
C CYS A 100 -13.61 -5.68 17.44
N MET A 101 -13.93 -6.11 16.23
CA MET A 101 -15.25 -5.90 15.68
C MET A 101 -15.87 -7.22 15.18
N ILE A 102 -17.14 -7.41 15.53
CA ILE A 102 -17.84 -8.66 15.37
C ILE A 102 -18.94 -8.47 14.35
N THR A 103 -18.95 -9.30 13.31
CA THR A 103 -19.99 -9.26 12.26
C THR A 103 -20.67 -10.60 12.06
N ASP A 104 -21.75 -10.60 11.28
CA ASP A 104 -22.39 -11.84 10.81
CA ASP A 104 -22.39 -11.83 10.78
C ASP A 104 -21.35 -12.67 10.05
N TYR A 105 -21.51 -13.98 10.06
CA TYR A 105 -20.61 -14.85 9.32
C TYR A 105 -21.32 -15.34 8.08
N MET A 106 -20.65 -15.21 6.94
CA MET A 106 -21.09 -15.72 5.64
C MET A 106 -20.42 -17.07 5.36
N GLU A 107 -21.21 -18.13 5.43
CA GLU A 107 -20.68 -19.48 5.50
C GLU A 107 -20.06 -20.03 4.19
N ASN A 108 -20.30 -19.39 3.05
CA ASN A 108 -19.74 -19.88 1.78
C ASN A 108 -18.56 -19.07 1.29
N GLY A 109 -18.00 -18.23 2.15
CA GLY A 109 -16.72 -17.57 1.85
C GLY A 109 -16.83 -16.41 0.90
N ASP A 110 -15.71 -16.00 0.31
CA ASP A 110 -15.75 -14.90 -0.65
C ASP A 110 -16.28 -15.36 -2.01
N LEU A 111 -16.77 -14.40 -2.80
CA LEU A 111 -17.50 -14.71 -4.02
C LEU A 111 -16.58 -15.29 -5.09
N ASN A 112 -15.31 -14.92 -5.03
CA ASN A 112 -14.30 -15.46 -5.94
C ASN A 112 -14.10 -16.97 -5.73
N GLN A 113 -13.97 -17.35 -4.46
CA GLN A 113 -13.87 -18.76 -4.05
C GLN A 113 -15.11 -19.52 -4.46
N PHE A 114 -16.26 -18.96 -4.13
CA PHE A 114 -17.56 -19.55 -4.45
C PHE A 114 -17.72 -19.84 -5.95
N LEU A 115 -17.51 -18.84 -6.80
CA LEU A 115 -17.76 -18.98 -8.24
C LEU A 115 -16.69 -19.84 -8.92
N SER A 116 -15.44 -19.75 -8.46
CA SER A 116 -14.35 -20.65 -8.89
C SER A 116 -14.72 -22.13 -8.74
N ALA A 117 -15.47 -22.44 -7.69
CA ALA A 117 -15.91 -23.80 -7.37
C ALA A 117 -17.14 -24.28 -8.15
N HIS A 118 -17.81 -23.36 -8.86
CA HIS A 118 -19.02 -23.69 -9.62
C HIS A 118 -18.75 -23.75 -11.11
N GLN A 119 -19.62 -24.46 -11.83
CA GLN A 119 -19.65 -24.40 -13.30
C GLN A 119 -21.01 -23.84 -13.79
N LEU A 120 -21.02 -23.27 -15.00
CA LEU A 120 -22.23 -22.71 -15.60
C LEU A 120 -23.18 -23.84 -16.00
N GLU A 121 -24.44 -23.72 -15.61
CA GLU A 121 -25.46 -24.71 -15.89
C GLU A 121 -25.54 -24.94 -17.39
N ASP A 122 -25.58 -26.22 -17.76
CA ASP A 122 -25.34 -26.73 -19.13
C ASP A 122 -25.89 -25.85 -20.25
N ALA A 134 -13.40 -29.24 -19.63
CA ALA A 134 -14.04 -29.95 -18.52
C ALA A 134 -14.03 -29.09 -17.24
N ALA A 135 -15.19 -28.57 -16.88
CA ALA A 135 -15.36 -27.84 -15.61
C ALA A 135 -15.82 -28.79 -14.52
N GLN A 136 -15.62 -28.42 -13.24
CA GLN A 136 -16.08 -29.32 -12.17
C GLN A 136 -16.97 -28.62 -11.16
N GLY A 137 -17.63 -29.45 -10.34
CA GLY A 137 -18.46 -29.02 -9.23
C GLY A 137 -19.93 -28.65 -9.43
N PRO A 138 -20.53 -28.02 -8.41
CA PRO A 138 -21.95 -27.67 -8.48
C PRO A 138 -22.22 -26.64 -9.59
N THR A 139 -23.43 -26.63 -10.11
CA THR A 139 -23.79 -25.69 -11.18
C THR A 139 -24.35 -24.40 -10.61
N ILE A 140 -24.34 -23.36 -11.43
CA ILE A 140 -25.03 -22.10 -11.16
C ILE A 140 -25.59 -21.62 -12.50
N SER A 141 -26.86 -21.22 -12.50
CA SER A 141 -27.58 -20.85 -13.74
C SER A 141 -27.25 -19.41 -14.12
N TYR A 142 -27.49 -19.04 -15.38
CA TYR A 142 -27.34 -17.63 -15.80
C TYR A 142 -28.25 -16.65 -15.00
N PRO A 143 -29.54 -16.99 -14.80
CA PRO A 143 -30.37 -16.13 -13.93
C PRO A 143 -29.83 -15.98 -12.50
N MET A 144 -29.20 -17.02 -11.97
CA MET A 144 -28.64 -16.92 -10.63
C MET A 144 -27.44 -15.95 -10.62
N LEU A 145 -26.65 -15.94 -11.70
CA LEU A 145 -25.56 -14.99 -11.86
C LEU A 145 -26.06 -13.57 -11.96
N LEU A 146 -27.20 -13.38 -12.64
CA LEU A 146 -27.80 -12.03 -12.69
C LEU A 146 -28.25 -11.60 -11.28
N HIS A 147 -28.77 -12.55 -10.52
CA HIS A 147 -29.23 -12.29 -9.17
C HIS A 147 -28.06 -11.92 -8.22
N VAL A 148 -26.93 -12.64 -8.33
CA VAL A 148 -25.67 -12.29 -7.63
C VAL A 148 -25.28 -10.83 -7.95
N ALA A 149 -25.25 -10.51 -9.23
CA ALA A 149 -24.81 -9.19 -9.65
C ALA A 149 -25.78 -8.12 -9.21
N ALA A 150 -27.08 -8.41 -9.25
CA ALA A 150 -28.11 -7.42 -8.87
C ALA A 150 -27.94 -7.05 -7.42
N GLN A 151 -27.65 -8.06 -6.58
CA GLN A 151 -27.44 -7.85 -5.16
C GLN A 151 -26.23 -6.95 -4.89
N ILE A 152 -25.14 -7.13 -5.65
CA ILE A 152 -24.00 -6.25 -5.53
C ILE A 152 -24.39 -4.81 -5.91
N ALA A 153 -25.12 -4.63 -7.01
CA ALA A 153 -25.55 -3.27 -7.42
C ALA A 153 -26.43 -2.61 -6.35
N SER A 154 -27.35 -3.39 -5.75
CA SER A 154 -28.22 -2.92 -4.67
C SER A 154 -27.44 -2.44 -3.43
N GLY A 155 -26.46 -3.23 -2.99
CA GLY A 155 -25.60 -2.84 -1.87
C GLY A 155 -24.81 -1.59 -2.19
N MET A 156 -24.31 -1.49 -3.43
CA MET A 156 -23.49 -0.35 -3.80
C MET A 156 -24.36 0.91 -3.86
N ARG A 157 -25.58 0.74 -4.37
CA ARG A 157 -26.53 1.85 -4.42
C ARG A 157 -26.72 2.43 -3.00
N TYR A 158 -26.86 1.53 -2.03
CA TYR A 158 -27.04 1.93 -0.64
C TYR A 158 -25.81 2.65 -0.14
N LEU A 159 -24.62 2.11 -0.41
CA LEU A 159 -23.41 2.82 0.03
C LEU A 159 -23.38 4.28 -0.52
N ALA A 160 -23.67 4.40 -1.81
CA ALA A 160 -23.67 5.68 -2.50
C ALA A 160 -24.67 6.67 -1.92
N THR A 161 -25.88 6.24 -1.58
CA THR A 161 -26.86 7.12 -0.94
C THR A 161 -26.36 7.63 0.44
N LEU A 162 -25.53 6.84 1.14
CA LEU A 162 -24.93 7.28 2.40
C LEU A 162 -23.65 8.08 2.19
N ASN A 163 -23.30 8.35 0.93
CA ASN A 163 -22.13 9.16 0.55
C ASN A 163 -20.81 8.51 0.88
N PHE A 164 -20.79 7.18 0.83
CA PHE A 164 -19.56 6.42 0.95
C PHE A 164 -19.09 6.03 -0.46
N VAL A 165 -17.79 6.01 -0.65
CA VAL A 165 -17.21 5.37 -1.81
C VAL A 165 -16.53 4.10 -1.29
N HIS A 166 -16.82 2.96 -1.92
CA HIS A 166 -16.12 1.71 -1.57
C HIS A 166 -14.61 1.77 -1.77
N ARG A 167 -14.20 2.03 -3.02
CA ARG A 167 -12.80 2.11 -3.48
C ARG A 167 -12.06 0.78 -3.78
N ASP A 168 -12.64 -0.36 -3.48
CA ASP A 168 -12.00 -1.68 -3.76
C ASP A 168 -13.05 -2.76 -4.07
N LEU A 169 -14.02 -2.39 -4.91
CA LEU A 169 -15.05 -3.34 -5.30
C LEU A 169 -14.42 -4.38 -6.26
N ALA A 170 -14.62 -5.67 -5.92
CA ALA A 170 -14.16 -6.83 -6.70
C ALA A 170 -14.80 -8.10 -6.05
N THR A 171 -14.91 -9.22 -6.77
CA THR A 171 -15.49 -10.43 -6.20
C THR A 171 -14.76 -10.88 -4.93
N ARG A 172 -13.47 -10.61 -4.83
CA ARG A 172 -12.73 -10.95 -3.59
C ARG A 172 -13.23 -10.22 -2.32
N ASN A 173 -13.89 -9.08 -2.48
CA ASN A 173 -14.45 -8.36 -1.31
C ASN A 173 -15.96 -8.52 -1.19
N CYS A 174 -16.52 -9.50 -1.89
CA CYS A 174 -17.92 -9.89 -1.70
C CYS A 174 -18.01 -11.28 -1.03
N LEU A 175 -19.03 -11.48 -0.18
CA LEU A 175 -19.18 -12.68 0.63
C LEU A 175 -20.52 -13.33 0.32
N VAL A 176 -20.56 -14.64 0.42
CA VAL A 176 -21.73 -15.41 0.09
C VAL A 176 -22.29 -16.15 1.31
N GLY A 177 -23.56 -15.92 1.63
CA GLY A 177 -24.25 -16.61 2.72
C GLY A 177 -25.15 -17.72 2.17
N GLU A 178 -26.28 -17.92 2.84
CA GLU A 178 -27.26 -18.94 2.43
C GLU A 178 -28.08 -18.46 1.24
N ASN A 179 -28.47 -19.42 0.41
CA ASN A 179 -29.41 -19.21 -0.69
C ASN A 179 -28.95 -18.11 -1.65
N PHE A 180 -27.65 -18.11 -1.93
CA PHE A 180 -27.06 -17.20 -2.90
C PHE A 180 -27.13 -15.71 -2.46
N THR A 181 -27.26 -15.48 -1.17
CA THR A 181 -27.24 -14.12 -0.62
C THR A 181 -25.81 -13.55 -0.64
N ILE A 182 -25.65 -12.34 -1.15
CA ILE A 182 -24.36 -11.66 -1.24
C ILE A 182 -24.24 -10.49 -0.30
N LYS A 183 -23.12 -10.41 0.42
CA LYS A 183 -22.87 -9.23 1.23
C LYS A 183 -21.55 -8.59 0.79
N ILE A 184 -21.60 -7.29 0.48
CA ILE A 184 -20.38 -6.56 0.17
C ILE A 184 -19.62 -6.38 1.46
N ALA A 185 -18.30 -6.47 1.36
CA ALA A 185 -17.39 -6.30 2.47
C ALA A 185 -16.17 -5.51 1.99
N ASP A 186 -15.23 -5.25 2.91
CA ASP A 186 -13.95 -4.68 2.55
C ASP A 186 -12.95 -5.13 3.58
N PHE A 187 -11.99 -5.97 3.15
CA PHE A 187 -11.06 -6.58 4.05
C PHE A 187 -9.83 -5.72 4.37
N GLY A 188 -9.61 -4.67 3.60
CA GLY A 188 -8.42 -3.83 3.80
C GLY A 188 -7.18 -4.72 3.87
N MET A 189 -6.40 -4.56 4.94
CA MET A 189 -5.15 -5.32 5.12
C MET A 189 -5.26 -6.49 6.08
N SER A 190 -6.49 -6.93 6.36
CA SER A 190 -6.72 -7.97 7.37
C SER A 190 -6.62 -9.39 6.80
N ARG A 191 -6.51 -9.49 5.50
CA ARG A 191 -6.63 -10.76 4.83
C ARG A 191 -5.82 -10.67 3.53
N ASN A 192 -4.56 -11.07 3.63
CA ASN A 192 -3.56 -10.86 2.58
C ASN A 192 -3.62 -11.87 1.40
N LEU A 193 -4.75 -12.49 1.18
CA LEU A 193 -4.99 -13.22 -0.06
C LEU A 193 -5.00 -12.28 -1.28
N TYR A 194 -4.88 -12.85 -2.47
CA TYR A 194 -5.03 -12.08 -3.71
C TYR A 194 -3.98 -10.97 -3.94
N ALA A 195 -2.77 -11.21 -3.47
CA ALA A 195 -1.66 -10.29 -3.67
C ALA A 195 -1.40 -10.04 -5.16
N GLY A 196 -1.66 -11.06 -6.00
CA GLY A 196 -1.58 -10.94 -7.44
C GLY A 196 -2.54 -9.94 -8.07
N ASP A 197 -3.52 -9.46 -7.33
CA ASP A 197 -4.50 -8.46 -7.82
C ASP A 197 -4.13 -7.02 -7.52
N TYR A 198 -3.01 -6.76 -6.83
CA TYR A 198 -2.58 -5.43 -6.45
C TYR A 198 -1.13 -5.16 -6.96
N TYR A 199 -0.92 -4.00 -7.55
CA TYR A 199 0.36 -3.57 -8.07
C TYR A 199 0.99 -2.52 -7.16
N ARG A 200 2.29 -2.65 -6.92
CA ARG A 200 3.03 -1.71 -6.08
C ARG A 200 3.43 -0.49 -6.90
N VAL A 201 2.68 0.59 -6.73
CA VAL A 201 2.91 1.86 -7.42
C VAL A 201 3.97 2.77 -6.79
N GLN A 202 4.24 2.61 -5.50
CA GLN A 202 5.11 3.51 -4.76
C GLN A 202 5.38 2.82 -3.43
N GLY A 203 6.59 2.95 -2.92
CA GLY A 203 6.96 2.49 -1.58
C GLY A 203 6.27 1.23 -1.10
N ARG A 204 5.34 1.39 -0.16
CA ARG A 204 4.57 0.27 0.42
C ARG A 204 3.13 0.28 -0.02
N ALA A 205 2.80 1.00 -1.08
CA ALA A 205 1.44 1.17 -1.49
C ALA A 205 1.08 0.26 -2.68
N VAL A 206 0.13 -0.63 -2.51
CA VAL A 206 -0.28 -1.48 -3.63
C VAL A 206 -1.75 -1.20 -4.00
N LEU A 207 -2.07 -1.20 -5.30
CA LEU A 207 -3.34 -0.74 -5.80
C LEU A 207 -3.97 -1.76 -6.75
N PRO A 208 -5.31 -1.91 -6.69
CA PRO A 208 -5.95 -2.91 -7.55
C PRO A 208 -6.17 -2.36 -8.94
N ILE A 209 -5.07 -2.14 -9.68
CA ILE A 209 -5.16 -1.42 -10.95
C ILE A 209 -6.10 -2.02 -12.01
N ARG A 210 -6.24 -3.35 -12.08
CA ARG A 210 -7.15 -3.96 -13.08
C ARG A 210 -8.67 -3.66 -12.86
N TRP A 211 -9.02 -3.18 -11.67
CA TRP A 211 -10.40 -2.75 -11.33
C TRP A 211 -10.60 -1.22 -11.31
N MET A 212 -9.53 -0.44 -11.53
CA MET A 212 -9.57 0.98 -11.29
C MET A 212 -9.86 1.77 -12.55
N ALA A 213 -10.74 2.74 -12.45
CA ALA A 213 -10.95 3.69 -13.53
C ALA A 213 -9.70 4.46 -13.84
N TRP A 214 -9.61 4.92 -15.07
CA TRP A 214 -8.40 5.62 -15.50
C TRP A 214 -8.12 6.86 -14.60
N GLU A 215 -9.15 7.57 -14.17
CA GLU A 215 -8.94 8.73 -13.31
C GLU A 215 -8.43 8.35 -11.89
N CYS A 216 -8.68 7.11 -11.44
CA CYS A 216 -8.12 6.62 -10.17
C CYS A 216 -6.61 6.45 -10.30
N ILE A 217 -6.19 5.84 -11.41
CA ILE A 217 -4.78 5.50 -11.66
C ILE A 217 -3.99 6.78 -11.95
N LEU A 218 -4.54 7.66 -12.77
CA LEU A 218 -3.78 8.84 -13.18
C LEU A 218 -3.79 9.91 -12.12
N MET A 219 -4.93 10.11 -11.46
CA MET A 219 -5.10 11.26 -10.56
C MET A 219 -5.54 10.92 -9.14
N GLY A 220 -5.58 9.64 -8.77
CA GLY A 220 -6.01 9.27 -7.42
C GLY A 220 -7.41 9.77 -7.05
N LYS A 221 -8.27 9.86 -8.05
CA LYS A 221 -9.65 10.36 -7.85
C LYS A 221 -10.62 9.19 -7.71
N PHE A 222 -11.20 9.00 -6.52
CA PHE A 222 -12.14 7.92 -6.24
C PHE A 222 -13.52 8.47 -5.89
N THR A 223 -14.52 7.99 -6.63
CA THR A 223 -15.88 8.53 -6.59
C THR A 223 -16.89 7.42 -6.82
N THR A 224 -18.17 7.73 -6.64
CA THR A 224 -19.18 6.72 -6.95
C THR A 224 -18.98 6.24 -8.43
N ALA A 225 -18.61 7.17 -9.31
CA ALA A 225 -18.40 6.83 -10.70
C ALA A 225 -17.22 5.90 -10.92
N SER A 226 -16.17 6.02 -10.12
CA SER A 226 -15.10 4.99 -10.20
C SER A 226 -15.59 3.67 -9.56
N ASP A 227 -16.44 3.72 -8.55
CA ASP A 227 -17.10 2.47 -8.08
C ASP A 227 -17.93 1.79 -9.16
N VAL A 228 -18.58 2.56 -10.03
CA VAL A 228 -19.39 2.03 -11.16
C VAL A 228 -18.44 1.34 -12.16
N TRP A 229 -17.29 1.96 -12.41
CA TRP A 229 -16.28 1.36 -13.26
C TRP A 229 -15.80 -0.03 -12.68
N ALA A 230 -15.46 -0.08 -11.39
CA ALA A 230 -15.11 -1.34 -10.72
C ALA A 230 -16.26 -2.38 -10.71
N PHE A 231 -17.50 -1.94 -10.55
CA PHE A 231 -18.67 -2.79 -10.75
C PHE A 231 -18.72 -3.43 -12.15
N GLY A 232 -18.52 -2.66 -13.21
CA GLY A 232 -18.30 -3.24 -14.54
C GLY A 232 -17.35 -4.41 -14.56
N VAL A 233 -16.16 -4.22 -13.96
CA VAL A 233 -15.13 -5.26 -13.93
C VAL A 233 -15.59 -6.45 -13.07
N THR A 234 -16.24 -6.17 -11.97
CA THR A 234 -16.76 -7.20 -11.08
C THR A 234 -17.83 -8.08 -11.74
N LEU A 235 -18.70 -7.43 -12.50
CA LEU A 235 -19.73 -8.10 -13.26
C LEU A 235 -19.10 -8.98 -14.37
N TRP A 236 -18.04 -8.48 -14.98
CA TRP A 236 -17.25 -9.27 -15.94
C TRP A 236 -16.68 -10.51 -15.24
N GLU A 237 -16.11 -10.35 -14.04
CA GLU A 237 -15.66 -11.50 -13.25
C GLU A 237 -16.82 -12.50 -13.04
N VAL A 238 -17.99 -11.99 -12.63
CA VAL A 238 -19.13 -12.87 -12.32
C VAL A 238 -19.56 -13.70 -13.55
N LEU A 239 -19.62 -13.07 -14.70
CA LEU A 239 -20.03 -13.72 -15.94
C LEU A 239 -18.96 -14.64 -16.51
N MET A 240 -17.71 -14.44 -16.09
CA MET A 240 -16.62 -15.34 -16.39
C MET A 240 -16.47 -16.47 -15.34
N LEU A 241 -17.30 -16.47 -14.28
CA LEU A 241 -17.19 -17.44 -13.15
C LEU A 241 -15.76 -17.45 -12.52
N CYS A 242 -15.21 -16.24 -12.44
CA CYS A 242 -13.93 -16.01 -11.82
C CYS A 242 -12.79 -16.88 -12.38
N ARG A 243 -12.92 -17.30 -13.65
CA ARG A 243 -11.95 -18.16 -14.29
C ARG A 243 -10.73 -17.41 -14.88
N ALA A 244 -10.78 -16.09 -14.98
CA ALA A 244 -9.74 -15.35 -15.69
C ALA A 244 -9.47 -13.98 -15.08
N GLN A 245 -8.21 -13.57 -14.98
CA GLN A 245 -7.90 -12.23 -14.44
C GLN A 245 -8.29 -11.16 -15.46
N PRO A 246 -8.90 -10.05 -15.00
CA PRO A 246 -9.20 -8.99 -15.98
C PRO A 246 -7.91 -8.50 -16.63
N PHE A 247 -7.94 -8.34 -17.95
CA PHE A 247 -6.76 -7.94 -18.71
C PHE A 247 -5.59 -8.89 -18.54
N GLY A 248 -5.90 -10.17 -18.38
CA GLY A 248 -4.87 -11.18 -18.12
C GLY A 248 -3.81 -11.34 -19.21
N GLN A 249 -4.11 -10.83 -20.41
CA GLN A 249 -3.20 -10.78 -21.54
CA GLN A 249 -3.12 -10.86 -21.50
C GLN A 249 -2.19 -9.64 -21.43
N LEU A 250 -2.43 -8.72 -20.48
CA LEU A 250 -1.58 -7.52 -20.30
C LEU A 250 -0.79 -7.53 -19.01
N THR A 251 0.45 -7.09 -19.06
CA THR A 251 1.22 -6.90 -17.85
C THR A 251 0.66 -5.75 -17.03
N ASP A 252 1.09 -5.68 -15.78
CA ASP A 252 0.68 -4.55 -14.92
C ASP A 252 1.06 -3.20 -15.53
N GLU A 253 2.24 -3.13 -16.11
CA GLU A 253 2.70 -1.88 -16.70
C GLU A 253 1.82 -1.55 -17.93
N GLN A 254 1.39 -2.57 -18.66
CA GLN A 254 0.46 -2.36 -19.78
C GLN A 254 -0.96 -1.94 -19.34
N VAL A 255 -1.40 -2.41 -18.17
CA VAL A 255 -2.66 -1.95 -17.58
C VAL A 255 -2.57 -0.44 -17.27
N ILE A 256 -1.47 -0.01 -16.67
CA ILE A 256 -1.24 1.42 -16.40
C ILE A 256 -1.23 2.24 -17.70
N GLU A 257 -0.55 1.73 -18.72
CA GLU A 257 -0.54 2.38 -20.02
C GLU A 257 -1.95 2.49 -20.61
N ASN A 258 -2.75 1.45 -20.43
CA ASN A 258 -4.13 1.46 -20.90
C ASN A 258 -4.94 2.59 -20.27
N ALA A 259 -4.71 2.87 -18.99
CA ALA A 259 -5.37 4.01 -18.34
C ALA A 259 -4.97 5.32 -19.01
N GLY A 260 -3.69 5.43 -19.37
CA GLY A 260 -3.21 6.58 -20.10
C GLY A 260 -3.93 6.74 -21.44
N GLU A 261 -4.26 5.63 -22.11
CA GLU A 261 -4.98 5.73 -23.40
C GLU A 261 -6.46 6.14 -23.27
N PHE A 262 -7.13 5.75 -22.19
CA PHE A 262 -8.43 6.35 -21.86
C PHE A 262 -8.32 7.87 -21.71
N PHE A 263 -7.27 8.33 -21.04
CA PHE A 263 -6.99 9.74 -20.93
C PHE A 263 -6.76 10.43 -22.27
N ARG A 264 -5.87 9.85 -23.08
CA ARG A 264 -5.56 10.38 -24.40
C ARG A 264 -6.77 10.36 -25.33
N ASP A 265 -7.61 9.33 -25.22
CA ASP A 265 -8.89 9.25 -25.94
C ASP A 265 -8.70 9.35 -27.45
N GLN A 266 -7.72 8.60 -27.97
CA GLN A 266 -7.47 8.58 -29.40
C GLN A 266 -7.75 7.19 -29.99
N GLY A 267 -8.49 6.37 -29.25
CA GLY A 267 -8.91 5.04 -29.69
C GLY A 267 -7.89 3.89 -29.57
N ARG A 268 -6.83 4.08 -28.78
CA ARG A 268 -5.84 3.02 -28.56
C ARG A 268 -6.21 2.20 -27.33
N GLN A 269 -7.13 2.69 -26.49
CA GLN A 269 -7.51 1.96 -25.29
C GLN A 269 -8.16 0.63 -25.62
N VAL A 270 -7.97 -0.34 -24.74
CA VAL A 270 -8.60 -1.67 -24.92
C VAL A 270 -9.60 -1.91 -23.79
N TYR A 271 -10.68 -2.60 -24.11
CA TYR A 271 -11.73 -2.96 -23.16
C TYR A 271 -11.74 -4.48 -22.95
N LEU A 272 -12.15 -4.90 -21.75
CA LEU A 272 -12.47 -6.30 -21.50
C LEU A 272 -13.47 -6.81 -22.57
N SER A 273 -13.25 -8.03 -23.02
CA SER A 273 -14.06 -8.69 -24.02
C SER A 273 -15.38 -9.17 -23.44
N ARG A 274 -16.37 -9.35 -24.31
CA ARG A 274 -17.67 -9.89 -23.89
C ARG A 274 -17.56 -11.33 -23.41
N PRO A 275 -17.95 -11.61 -22.16
CA PRO A 275 -17.96 -13.01 -21.71
C PRO A 275 -18.94 -13.85 -22.53
N PRO A 276 -18.61 -15.12 -22.79
CA PRO A 276 -19.53 -15.92 -23.60
C PRO A 276 -20.97 -15.98 -23.08
N ALA A 277 -21.20 -15.97 -21.77
CA ALA A 277 -22.59 -16.04 -21.25
C ALA A 277 -23.28 -14.66 -21.21
N CYS A 278 -22.60 -13.62 -21.67
CA CYS A 278 -23.11 -12.25 -21.63
C CYS A 278 -23.81 -11.84 -22.94
N PRO A 279 -25.09 -11.45 -22.89
CA PRO A 279 -25.77 -10.96 -24.10
C PRO A 279 -25.32 -9.53 -24.48
N GLN A 280 -25.52 -9.16 -25.74
CA GLN A 280 -24.96 -7.87 -26.23
C GLN A 280 -25.42 -6.65 -25.40
N GLY A 281 -26.69 -6.59 -25.00
CA GLY A 281 -27.17 -5.45 -24.20
C GLY A 281 -26.49 -5.29 -22.86
N LEU A 282 -26.27 -6.39 -22.15
CA LEU A 282 -25.58 -6.32 -20.86
C LEU A 282 -24.13 -5.89 -21.07
N TYR A 283 -23.52 -6.38 -22.14
CA TYR A 283 -22.16 -5.99 -22.47
C TYR A 283 -22.06 -4.48 -22.75
N GLU A 284 -23.03 -3.95 -23.49
CA GLU A 284 -23.06 -2.51 -23.82
C GLU A 284 -23.27 -1.67 -22.56
N LEU A 285 -24.03 -2.20 -21.60
CA LEU A 285 -24.13 -1.57 -20.28
C LEU A 285 -22.77 -1.57 -19.52
N MET A 286 -22.05 -2.71 -19.54
CA MET A 286 -20.70 -2.76 -19.01
C MET A 286 -19.76 -1.74 -19.68
N LEU A 287 -19.79 -1.66 -21.02
CA LEU A 287 -19.00 -0.65 -21.72
C LEU A 287 -19.31 0.79 -21.22
N ARG A 288 -20.57 1.07 -20.90
CA ARG A 288 -20.98 2.40 -20.41
CA ARG A 288 -20.97 2.41 -20.42
C ARG A 288 -20.37 2.66 -19.02
N CYS A 289 -20.18 1.62 -18.23
CA CYS A 289 -19.44 1.69 -16.94
C CYS A 289 -17.99 2.12 -17.10
N TRP A 290 -17.45 1.92 -18.31
CA TRP A 290 -16.08 2.30 -18.66
C TRP A 290 -16.01 3.52 -19.57
N SER A 291 -17.04 4.36 -19.54
CA SER A 291 -17.01 5.59 -20.31
C SER A 291 -15.84 6.47 -19.77
N ARG A 292 -15.18 7.20 -20.65
CA ARG A 292 -14.15 8.14 -20.21
C ARG A 292 -14.68 9.16 -19.21
N GLU A 293 -15.85 9.73 -19.52
CA GLU A 293 -16.45 10.78 -18.66
C GLU A 293 -17.33 10.16 -17.56
N SER A 294 -17.04 10.54 -16.32
CA SER A 294 -17.76 10.08 -15.13
C SER A 294 -19.25 10.17 -15.26
N GLU A 295 -19.70 11.33 -15.73
CA GLU A 295 -21.13 11.61 -15.81
C GLU A 295 -21.84 10.76 -16.87
N GLN A 296 -21.11 10.07 -17.73
CA GLN A 296 -21.73 9.14 -18.67
C GLN A 296 -21.88 7.71 -18.16
N ARG A 297 -21.31 7.39 -17.00
CA ARG A 297 -21.41 6.06 -16.44
C ARG A 297 -22.75 5.88 -15.73
N PRO A 298 -23.33 4.69 -15.83
CA PRO A 298 -24.69 4.50 -15.24
C PRO A 298 -24.69 4.53 -13.72
N PRO A 299 -25.72 5.12 -13.11
CA PRO A 299 -25.85 4.98 -11.67
C PRO A 299 -26.17 3.55 -11.25
N PHE A 300 -25.95 3.23 -9.99
CA PHE A 300 -26.22 1.87 -9.52
C PHE A 300 -27.74 1.51 -9.52
N SER A 301 -28.61 2.52 -9.43
CA SER A 301 -30.09 2.30 -9.51
C SER A 301 -30.43 1.69 -10.90
N GLN A 302 -29.78 2.19 -11.94
CA GLN A 302 -30.01 1.77 -13.30
C GLN A 302 -29.38 0.42 -13.56
N LEU A 303 -28.16 0.21 -13.08
CA LEU A 303 -27.51 -1.12 -13.14
C LEU A 303 -28.36 -2.19 -12.42
N HIS A 304 -28.89 -1.87 -11.25
CA HIS A 304 -29.70 -2.84 -10.51
C HIS A 304 -30.98 -3.19 -11.28
N ARG A 305 -31.63 -2.15 -11.80
CA ARG A 305 -32.86 -2.36 -12.56
C ARG A 305 -32.62 -3.23 -13.78
N PHE A 306 -31.54 -2.97 -14.49
CA PHE A 306 -31.23 -3.75 -15.68
C PHE A 306 -31.07 -5.23 -15.35
N LEU A 307 -30.29 -5.49 -14.32
CA LEU A 307 -30.03 -6.86 -13.91
C LEU A 307 -31.25 -7.58 -13.31
N ALA A 308 -32.10 -6.84 -12.60
CA ALA A 308 -33.31 -7.45 -11.99
C ALA A 308 -34.55 -7.53 -12.92
N GLU A 309 -34.55 -6.76 -14.01
CA GLU A 309 -35.69 -6.70 -14.89
C GLU A 309 -35.30 -7.03 -16.35
N ASP A 310 -34.62 -6.10 -17.00
CA ASP A 310 -34.37 -6.16 -18.46
C ASP A 310 -33.72 -7.49 -18.86
N ALA A 311 -32.64 -7.82 -18.16
CA ALA A 311 -31.88 -9.01 -18.46
C ALA A 311 -32.70 -10.26 -18.20
N LEU A 312 -33.51 -10.22 -17.13
CA LEU A 312 -34.38 -11.34 -16.77
C LEU A 312 -35.54 -11.56 -17.75
N ASN A 313 -36.10 -10.48 -18.28
CA ASN A 313 -37.21 -10.55 -19.20
C ASN A 313 -36.81 -10.94 -20.62
N THR A 314 -35.51 -11.01 -20.90
CA THR A 314 -35.04 -11.30 -22.24
C THR A 314 -34.14 -12.53 -22.26
N VAL A 315 -34.24 -13.35 -21.21
CA VAL A 315 -33.69 -14.71 -21.24
C VAL A 315 -34.18 -15.48 -22.48
N SER B 1 26.25 -2.69 -12.23
CA SER B 1 26.22 -3.04 -13.72
C SER B 1 25.36 -4.31 -13.97
N MET B 2 24.93 -4.49 -15.23
CA MET B 2 23.95 -5.51 -15.66
C MET B 2 24.42 -6.95 -15.45
N PRO B 3 23.85 -7.66 -14.46
CA PRO B 3 24.39 -8.98 -14.08
C PRO B 3 24.46 -9.98 -15.26
N ARG B 4 25.63 -10.59 -15.46
CA ARG B 4 25.82 -11.55 -16.54
C ARG B 4 25.78 -12.98 -16.03
N VAL B 5 26.14 -13.17 -14.76
CA VAL B 5 26.11 -14.48 -14.09
C VAL B 5 25.73 -14.34 -12.63
N ASP B 6 25.13 -15.37 -12.05
CA ASP B 6 24.75 -15.33 -10.63
C ASP B 6 25.98 -15.34 -9.69
N PHE B 7 25.88 -14.59 -8.61
CA PHE B 7 26.78 -14.72 -7.46
C PHE B 7 26.51 -16.10 -6.82
N PRO B 8 27.56 -16.77 -6.30
CA PRO B 8 27.36 -18.10 -5.73
C PRO B 8 26.68 -18.06 -4.37
N ARG B 9 25.43 -18.50 -4.34
CA ARG B 9 24.59 -18.55 -3.15
C ARG B 9 25.23 -19.23 -1.93
N SER B 10 25.96 -20.32 -2.18
CA SER B 10 26.60 -21.10 -1.13
C SER B 10 27.63 -20.30 -0.34
N ARG B 11 28.09 -19.19 -0.91
CA ARG B 11 29.09 -18.37 -0.23
C ARG B 11 28.49 -17.32 0.71
N LEU B 12 27.17 -17.20 0.72
CA LEU B 12 26.52 -16.23 1.59
C LEU B 12 26.24 -16.91 2.93
N ARG B 13 26.99 -16.53 3.96
CA ARG B 13 26.84 -17.16 5.26
C ARG B 13 25.95 -16.25 6.12
N PHE B 14 24.76 -16.73 6.48
CA PHE B 14 23.78 -15.95 7.26
C PHE B 14 24.31 -15.49 8.61
N LYS B 15 24.07 -14.23 8.97
CA LYS B 15 24.46 -13.74 10.31
C LYS B 15 23.23 -13.29 11.09
N GLU B 16 22.39 -12.43 10.50
CA GLU B 16 21.13 -12.04 11.16
C GLU B 16 20.17 -11.33 10.22
N LYS B 17 18.93 -11.20 10.65
CA LYS B 17 17.91 -10.49 9.87
C LYS B 17 17.96 -8.99 10.06
N LEU B 18 18.01 -8.26 8.96
CA LEU B 18 17.97 -6.81 9.05
C LEU B 18 16.56 -6.29 8.87
N GLY B 19 15.66 -7.09 8.32
CA GLY B 19 14.30 -6.66 8.14
C GLY B 19 13.43 -7.74 7.56
N GLU B 20 12.11 -7.54 7.66
CA GLU B 20 11.15 -8.43 7.03
C GLU B 20 9.89 -7.68 6.59
N GLY B 21 9.32 -8.09 5.47
CA GLY B 21 8.03 -7.58 5.02
C GLY B 21 7.19 -8.67 4.38
N GLN B 22 6.10 -8.27 3.74
CA GLN B 22 5.15 -9.23 3.19
C GLN B 22 5.74 -10.16 2.12
N PHE B 23 6.66 -9.65 1.31
CA PHE B 23 7.12 -10.38 0.12
C PHE B 23 8.59 -10.83 0.22
N GLY B 24 9.28 -10.43 1.29
CA GLY B 24 10.71 -10.74 1.42
C GLY B 24 11.37 -10.13 2.65
N GLU B 25 12.64 -10.50 2.82
CA GLU B 25 13.45 -10.17 4.00
C GLU B 25 14.79 -9.60 3.56
N VAL B 26 15.44 -8.89 4.48
CA VAL B 26 16.78 -8.44 4.29
C VAL B 26 17.67 -9.18 5.32
N HIS B 27 18.75 -9.81 4.86
CA HIS B 27 19.68 -10.48 5.73
C HIS B 27 21.05 -9.84 5.71
N LEU B 28 21.74 -9.91 6.85
CA LEU B 28 23.13 -9.61 6.94
C LEU B 28 23.85 -10.92 6.72
N CYS B 29 24.70 -10.97 5.69
CA CYS B 29 25.52 -12.15 5.46
C CYS B 29 27.03 -11.85 5.46
N GLU B 30 27.83 -12.87 5.71
CA GLU B 30 29.28 -12.81 5.52
C GLU B 30 29.68 -13.66 4.32
N VAL B 31 30.64 -13.14 3.54
CA VAL B 31 31.17 -13.84 2.39
C VAL B 31 32.55 -14.44 2.78
N ASP B 32 32.66 -15.75 2.69
CA ASP B 32 33.92 -16.41 3.01
C ASP B 32 34.92 -16.33 1.83
N SER B 33 36.18 -16.01 2.19
CA SER B 33 37.32 -15.98 1.25
C SER B 33 36.99 -15.13 0.04
N PRO B 34 36.46 -13.93 0.30
CA PRO B 34 35.93 -13.08 -0.75
C PRO B 34 36.93 -12.70 -1.87
N GLN B 35 38.23 -12.67 -1.58
CA GLN B 35 39.22 -12.28 -2.61
C GLN B 35 39.18 -13.19 -3.85
N ASP B 36 38.86 -14.46 -3.66
CA ASP B 36 38.78 -15.36 -4.79
C ASP B 36 37.57 -15.11 -5.72
N LEU B 37 36.67 -14.16 -5.38
CA LEU B 37 35.51 -13.82 -6.21
C LEU B 37 35.65 -12.49 -6.96
N VAL B 38 36.59 -11.66 -6.53
CA VAL B 38 36.72 -10.32 -7.04
C VAL B 38 36.95 -10.33 -8.55
N SER B 39 36.10 -9.59 -9.25
CA SER B 39 36.13 -9.50 -10.70
C SER B 39 35.15 -8.40 -11.12
N LEU B 40 35.06 -8.16 -12.42
CA LEU B 40 34.07 -7.24 -12.95
C LEU B 40 32.66 -7.73 -12.56
N ASP B 41 32.42 -9.03 -12.62
CA ASP B 41 31.13 -9.57 -12.25
C ASP B 41 30.79 -9.29 -10.77
N PHE B 42 31.77 -9.44 -9.88
CA PHE B 42 31.59 -9.18 -8.45
C PHE B 42 32.62 -8.17 -7.93
N PRO B 43 32.31 -6.85 -8.01
CA PRO B 43 33.30 -5.84 -7.61
C PRO B 43 33.29 -5.64 -6.08
N LEU B 44 33.60 -6.72 -5.38
CA LEU B 44 33.72 -6.66 -3.94
C LEU B 44 34.91 -5.79 -3.52
N ASN B 45 34.72 -5.06 -2.44
CA ASN B 45 35.72 -4.18 -1.86
C ASN B 45 36.27 -4.91 -0.65
N VAL B 46 37.30 -5.73 -0.85
CA VAL B 46 37.79 -6.58 0.23
CA VAL B 46 37.83 -6.60 0.20
C VAL B 46 38.94 -5.89 0.96
N ARG B 47 38.85 -5.90 2.30
CA ARG B 47 39.88 -5.37 3.17
C ARG B 47 40.69 -6.57 3.72
N LYS B 48 41.97 -6.65 3.36
CA LYS B 48 42.83 -7.79 3.72
C LYS B 48 42.84 -8.05 5.23
N GLY B 49 42.45 -9.27 5.63
CA GLY B 49 42.40 -9.65 7.03
C GLY B 49 41.04 -9.45 7.66
N HIS B 50 40.07 -9.03 6.86
CA HIS B 50 38.73 -8.73 7.38
C HIS B 50 37.63 -9.44 6.62
N PRO B 51 36.69 -10.08 7.34
CA PRO B 51 35.57 -10.72 6.66
C PRO B 51 34.75 -9.66 5.94
N LEU B 52 34.16 -10.01 4.79
CA LEU B 52 33.33 -9.07 4.02
C LEU B 52 31.86 -9.24 4.36
N LEU B 53 31.23 -8.19 4.88
CA LEU B 53 29.82 -8.22 5.18
C LEU B 53 28.99 -7.62 4.02
N VAL B 54 27.85 -8.25 3.71
CA VAL B 54 26.93 -7.78 2.68
C VAL B 54 25.47 -7.83 3.17
N ALA B 55 24.60 -7.00 2.57
CA ALA B 55 23.16 -7.05 2.83
C ALA B 55 22.52 -7.80 1.67
N VAL B 56 21.52 -8.63 1.96
CA VAL B 56 20.89 -9.45 0.93
C VAL B 56 19.38 -9.33 1.04
N LYS B 57 18.75 -8.77 0.00
CA LYS B 57 17.31 -8.82 -0.13
C LYS B 57 16.91 -10.10 -0.81
N ILE B 58 15.92 -10.77 -0.25
CA ILE B 58 15.51 -12.09 -0.67
C ILE B 58 14.02 -12.14 -0.85
N LEU B 59 13.57 -12.69 -1.97
CA LEU B 59 12.13 -12.82 -2.24
C LEU B 59 11.64 -14.16 -1.73
N ARG B 60 10.51 -14.15 -1.00
CA ARG B 60 9.86 -15.41 -0.58
C ARG B 60 9.67 -16.30 -1.80
N PRO B 61 10.05 -17.59 -1.71
CA PRO B 61 9.90 -18.52 -2.86
C PRO B 61 8.48 -18.76 -3.38
N ASP B 62 7.46 -18.50 -2.56
CA ASP B 62 6.06 -18.66 -3.00
C ASP B 62 5.47 -17.33 -3.47
N ALA B 63 6.32 -16.40 -3.90
CA ALA B 63 5.88 -15.06 -4.30
C ALA B 63 5.06 -15.12 -5.58
N THR B 64 4.07 -14.24 -5.70
CA THR B 64 3.25 -14.16 -6.94
C THR B 64 4.10 -13.66 -8.10
N LYS B 65 3.61 -13.88 -9.32
CA LYS B 65 4.28 -13.40 -10.52
C LYS B 65 4.52 -11.89 -10.52
N ASN B 66 3.52 -11.10 -10.07
CA ASN B 66 3.70 -9.66 -10.00
C ASN B 66 4.80 -9.27 -8.98
N ALA B 67 4.91 -10.01 -7.89
CA ALA B 67 5.98 -9.76 -6.94
C ALA B 67 7.37 -10.05 -7.54
N ARG B 68 7.48 -11.14 -8.31
CA ARG B 68 8.71 -11.48 -9.01
C ARG B 68 9.13 -10.40 -10.02
N ASN B 69 8.18 -9.94 -10.86
CA ASN B 69 8.45 -8.86 -11.81
C ASN B 69 8.94 -7.58 -11.11
N ASP B 70 8.32 -7.26 -9.98
CA ASP B 70 8.74 -6.13 -9.13
C ASP B 70 10.23 -6.30 -8.67
N PHE B 71 10.54 -7.43 -8.10
CA PHE B 71 11.91 -7.74 -7.71
C PHE B 71 12.90 -7.62 -8.88
N LEU B 72 12.55 -8.17 -10.04
CA LEU B 72 13.44 -8.16 -11.20
C LEU B 72 13.61 -6.76 -11.79
N LYS B 73 12.53 -5.97 -11.76
CA LYS B 73 12.62 -4.57 -12.11
C LYS B 73 13.57 -3.81 -11.16
N GLU B 74 13.49 -4.12 -9.88
CA GLU B 74 14.37 -3.49 -8.90
C GLU B 74 15.82 -3.82 -9.21
N VAL B 75 16.09 -5.07 -9.59
CA VAL B 75 17.46 -5.50 -9.99
C VAL B 75 17.99 -4.65 -11.13
N LYS B 76 17.14 -4.38 -12.12
CA LYS B 76 17.49 -3.55 -13.27
C LYS B 76 17.83 -2.13 -12.85
N ILE B 77 16.97 -1.53 -12.03
CA ILE B 77 17.22 -0.20 -11.47
C ILE B 77 18.58 -0.16 -10.72
N MET B 78 18.76 -1.06 -9.76
CA MET B 78 19.96 -1.10 -8.89
C MET B 78 21.24 -1.29 -9.72
N SER B 79 21.17 -2.12 -10.77
CA SER B 79 22.31 -2.33 -11.65
C SER B 79 22.85 -1.05 -12.32
N ARG B 80 22.04 -0.02 -12.39
CA ARG B 80 22.44 1.26 -12.96
C ARG B 80 23.02 2.28 -11.97
N LEU B 81 22.79 2.09 -10.69
CA LEU B 81 23.08 3.13 -9.68
C LEU B 81 24.52 3.14 -9.21
N LYS B 82 25.28 4.13 -9.64
CA LYS B 82 26.73 4.17 -9.33
C LYS B 82 27.12 5.56 -8.87
N ASP B 83 27.02 5.76 -7.56
CA ASP B 83 27.27 7.07 -6.97
C ASP B 83 27.75 6.90 -5.55
N PRO B 84 28.65 7.79 -5.09
CA PRO B 84 29.12 7.68 -3.72
C PRO B 84 28.00 7.69 -2.67
N ASN B 85 26.89 8.35 -2.95
CA ASN B 85 25.80 8.49 -1.95
C ASN B 85 24.52 7.69 -2.24
N ILE B 86 24.66 6.65 -3.08
CA ILE B 86 23.60 5.65 -3.31
C ILE B 86 24.13 4.22 -3.05
N ILE B 87 23.29 3.41 -2.41
CA ILE B 87 23.58 2.01 -2.15
C ILE B 87 23.99 1.31 -3.47
N ARG B 88 24.98 0.42 -3.37
CA ARG B 88 25.61 -0.22 -4.51
C ARG B 88 25.35 -1.70 -4.60
N LEU B 89 24.92 -2.17 -5.79
CA LEU B 89 24.72 -3.59 -6.08
C LEU B 89 26.05 -4.31 -6.35
N LEU B 90 26.31 -5.39 -5.61
CA LEU B 90 27.50 -6.21 -5.78
C LEU B 90 27.23 -7.49 -6.60
N GLY B 91 26.00 -8.00 -6.58
CA GLY B 91 25.67 -9.21 -7.32
C GLY B 91 24.24 -9.63 -7.11
N VAL B 92 23.81 -10.62 -7.87
CA VAL B 92 22.45 -11.15 -7.76
C VAL B 92 22.45 -12.67 -7.86
N CYS B 93 21.38 -13.28 -7.33
CA CYS B 93 21.10 -14.69 -7.59
C CYS B 93 19.70 -14.76 -8.17
N VAL B 94 19.59 -14.97 -9.47
CA VAL B 94 18.26 -14.96 -10.11
C VAL B 94 17.97 -16.11 -11.07
N GLN B 95 18.96 -16.96 -11.35
CA GLN B 95 18.73 -18.09 -12.24
C GLN B 95 17.92 -19.18 -11.54
N ASP B 96 17.91 -19.16 -10.21
CA ASP B 96 17.11 -20.09 -9.43
C ASP B 96 16.61 -19.39 -8.16
N ASP B 97 15.73 -20.05 -7.42
CA ASP B 97 15.09 -19.44 -6.26
C ASP B 97 15.79 -19.79 -4.95
N PRO B 98 15.66 -18.94 -3.93
CA PRO B 98 14.93 -17.68 -3.91
C PRO B 98 15.72 -16.52 -4.56
N LEU B 99 15.03 -15.60 -5.22
CA LEU B 99 15.75 -14.51 -5.87
C LEU B 99 16.43 -13.65 -4.80
N CYS B 100 17.64 -13.19 -5.09
CA CYS B 100 18.42 -12.38 -4.16
C CYS B 100 19.10 -11.22 -4.85
N MET B 101 19.25 -10.12 -4.14
CA MET B 101 20.17 -9.10 -4.53
C MET B 101 21.06 -8.69 -3.36
N ILE B 102 22.34 -8.49 -3.68
CA ILE B 102 23.39 -8.35 -2.70
C ILE B 102 24.02 -6.98 -2.85
N THR B 103 24.10 -6.24 -1.74
CA THR B 103 24.71 -4.92 -1.70
C THR B 103 25.78 -4.81 -0.63
N ASP B 104 26.51 -3.70 -0.67
CA ASP B 104 27.38 -3.28 0.42
C ASP B 104 26.56 -3.23 1.72
N TYR B 105 27.21 -3.50 2.85
CA TYR B 105 26.56 -3.35 4.17
C TYR B 105 27.03 -2.01 4.79
N MET B 106 26.08 -1.20 5.23
CA MET B 106 26.32 0.06 5.96
C MET B 106 26.22 -0.20 7.45
N GLU B 107 27.37 -0.21 8.11
CA GLU B 107 27.49 -0.82 9.45
C GLU B 107 26.82 -0.02 10.59
N ASN B 108 26.45 1.22 10.35
CA ASN B 108 25.78 2.04 11.37
C ASN B 108 24.27 2.19 11.17
N GLY B 109 23.68 1.38 10.30
CA GLY B 109 22.24 1.23 10.21
C GLY B 109 21.57 2.41 9.49
N ASP B 110 20.28 2.53 9.66
CA ASP B 110 19.59 3.62 9.01
C ASP B 110 19.85 4.95 9.74
N LEU B 111 19.59 6.05 9.04
CA LEU B 111 19.99 7.38 9.53
C LEU B 111 19.15 7.79 10.72
N ASN B 112 17.92 7.28 10.77
CA ASN B 112 17.03 7.57 11.88
C ASN B 112 17.56 6.96 13.17
N GLN B 113 17.98 5.70 13.10
CA GLN B 113 18.66 4.99 14.22
C GLN B 113 19.94 5.70 14.67
N PHE B 114 20.78 6.03 13.70
CA PHE B 114 22.03 6.73 13.92
C PHE B 114 21.85 8.07 14.65
N LEU B 115 20.98 8.93 14.14
CA LEU B 115 20.83 10.26 14.72
C LEU B 115 20.09 10.23 16.08
N SER B 116 19.13 9.32 16.21
CA SER B 116 18.46 9.08 17.49
C SER B 116 19.45 8.80 18.63
N ALA B 117 20.56 8.13 18.31
CA ALA B 117 21.58 7.73 19.27
C ALA B 117 22.61 8.85 19.58
N HIS B 118 22.59 9.94 18.81
CA HIS B 118 23.50 11.07 19.01
C HIS B 118 22.84 12.27 19.64
N GLN B 119 23.66 13.11 20.25
CA GLN B 119 23.24 14.41 20.74
C GLN B 119 24.03 15.49 19.97
N LEU B 120 23.44 16.67 19.91
CA LEU B 120 24.07 17.81 19.27
C LEU B 120 25.24 18.32 20.10
N GLU B 121 26.39 18.52 19.46
CA GLU B 121 27.59 18.98 20.13
C GLU B 121 27.31 20.29 20.84
N ASP B 122 27.79 20.37 22.08
CA ASP B 122 27.36 21.39 23.03
C ASP B 122 28.07 22.73 22.85
N LYS B 123 29.39 22.70 22.68
CA LYS B 123 30.20 23.92 22.52
C LYS B 123 30.15 24.80 23.77
N GLN B 136 24.05 11.96 27.95
CA GLN B 136 23.80 11.60 26.55
C GLN B 136 24.97 10.86 25.86
N GLY B 137 24.66 10.37 24.67
CA GLY B 137 25.50 9.47 23.84
C GLY B 137 26.63 10.19 23.17
N PRO B 138 27.05 9.68 22.01
CA PRO B 138 28.05 10.40 21.22
C PRO B 138 27.51 11.70 20.64
N THR B 139 28.40 12.66 20.40
CA THR B 139 27.99 13.95 19.82
C THR B 139 28.12 13.96 18.32
N ILE B 140 27.39 14.90 17.69
CA ILE B 140 27.51 15.19 16.26
C ILE B 140 27.41 16.72 16.16
N SER B 141 28.33 17.33 15.40
CA SER B 141 28.43 18.78 15.31
C SER B 141 27.42 19.28 14.28
N TYR B 142 27.10 20.57 14.34
CA TYR B 142 26.20 21.17 13.34
C TYR B 142 26.79 21.09 11.90
N PRO B 143 28.08 21.41 11.72
CA PRO B 143 28.70 21.15 10.42
C PRO B 143 28.60 19.70 9.93
N MET B 144 28.69 18.75 10.84
CA MET B 144 28.55 17.35 10.43
C MET B 144 27.11 17.05 9.96
N LEU B 145 26.12 17.69 10.60
CA LEU B 145 24.72 17.57 10.18
C LEU B 145 24.51 18.18 8.79
N LEU B 146 25.18 19.32 8.52
CA LEU B 146 25.11 19.90 7.18
C LEU B 146 25.74 18.93 6.12
N HIS B 147 26.82 18.27 6.49
CA HIS B 147 27.50 17.29 5.62
C HIS B 147 26.62 16.07 5.35
N VAL B 148 25.92 15.54 6.38
CA VAL B 148 24.91 14.48 6.18
C VAL B 148 23.87 14.93 5.15
N ALA B 149 23.32 16.11 5.36
CA ALA B 149 22.26 16.59 4.50
C ALA B 149 22.76 16.84 3.09
N ALA B 150 23.98 17.36 2.97
CA ALA B 150 24.56 17.65 1.66
C ALA B 150 24.70 16.34 0.85
N GLN B 151 25.13 15.26 1.52
CA GLN B 151 25.24 13.96 0.88
C GLN B 151 23.92 13.42 0.35
N ILE B 152 22.85 13.57 1.13
CA ILE B 152 21.53 13.23 0.66
C ILE B 152 21.14 14.07 -0.60
N ALA B 153 21.36 15.39 -0.57
CA ALA B 153 21.03 16.22 -1.75
C ALA B 153 21.84 15.77 -2.97
N SER B 154 23.12 15.46 -2.77
CA SER B 154 24.01 14.98 -3.85
C SER B 154 23.52 13.65 -4.50
N GLY B 155 23.16 12.69 -3.67
CA GLY B 155 22.60 11.42 -4.13
C GLY B 155 21.29 11.64 -4.88
N MET B 156 20.45 12.53 -4.35
CA MET B 156 19.17 12.82 -5.00
C MET B 156 19.38 13.49 -6.35
N ARG B 157 20.35 14.39 -6.41
CA ARG B 157 20.69 15.06 -7.65
C ARG B 157 21.03 14.03 -8.72
N TYR B 158 21.85 13.04 -8.32
CA TYR B 158 22.25 11.95 -9.22
C TYR B 158 21.04 11.17 -9.68
N LEU B 159 20.17 10.79 -8.76
CA LEU B 159 18.95 10.07 -9.17
C LEU B 159 18.12 10.87 -10.21
N ALA B 160 17.94 12.17 -9.94
CA ALA B 160 17.23 13.06 -10.85
C ALA B 160 17.86 13.16 -12.22
N THR B 161 19.20 13.23 -12.32
CA THR B 161 19.86 13.31 -13.63
C THR B 161 19.61 12.02 -14.47
N LEU B 162 19.43 10.88 -13.78
CA LEU B 162 19.11 9.61 -14.43
C LEU B 162 17.62 9.46 -14.70
N ASN B 163 16.84 10.51 -14.40
CA ASN B 163 15.40 10.53 -14.62
C ASN B 163 14.62 9.55 -13.76
N PHE B 164 15.10 9.34 -12.54
CA PHE B 164 14.40 8.55 -11.52
C PHE B 164 13.76 9.46 -10.50
N VAL B 165 12.58 9.07 -10.04
CA VAL B 165 11.95 9.74 -8.87
C VAL B 165 12.09 8.73 -7.74
N HIS B 166 12.62 9.17 -6.61
CA HIS B 166 12.67 8.31 -5.43
C HIS B 166 11.30 7.82 -4.93
N ARG B 167 10.46 8.78 -4.58
CA ARG B 167 9.08 8.59 -4.07
C ARG B 167 8.91 8.28 -2.58
N ASP B 168 10.00 8.03 -1.83
CA ASP B 168 9.89 7.75 -0.38
C ASP B 168 11.15 8.20 0.35
N LEU B 169 11.58 9.42 0.06
CA LEU B 169 12.72 9.97 0.71
C LEU B 169 12.34 10.34 2.18
N ALA B 170 13.17 9.85 3.10
CA ALA B 170 13.06 10.09 4.55
C ALA B 170 14.33 9.50 5.22
N THR B 171 14.65 9.89 6.47
CA THR B 171 15.84 9.34 7.16
C THR B 171 15.78 7.83 7.31
N ARG B 172 14.58 7.25 7.42
CA ARG B 172 14.45 5.82 7.52
C ARG B 172 14.98 5.07 6.27
N ASN B 173 15.01 5.71 5.11
CA ASN B 173 15.53 5.07 3.88
C ASN B 173 16.93 5.54 3.52
N CYS B 174 17.63 6.16 4.47
CA CYS B 174 19.04 6.53 4.31
C CYS B 174 19.91 5.67 5.24
N LEU B 175 21.10 5.30 4.78
CA LEU B 175 21.97 4.38 5.53
C LEU B 175 23.29 5.08 5.85
N VAL B 176 23.91 4.67 6.94
CA VAL B 176 25.14 5.30 7.38
C VAL B 176 26.28 4.27 7.41
N GLY B 177 27.35 4.55 6.68
CA GLY B 177 28.56 3.73 6.72
C GLY B 177 29.64 4.36 7.59
N GLU B 178 30.89 4.21 7.16
CA GLU B 178 32.03 4.75 7.91
C GLU B 178 32.17 6.25 7.65
N ASN B 179 32.64 6.97 8.66
CA ASN B 179 33.07 8.34 8.55
C ASN B 179 31.95 9.23 8.11
N PHE B 180 30.76 8.96 8.64
CA PHE B 180 29.58 9.79 8.37
C PHE B 180 29.15 9.73 6.89
N THR B 181 29.52 8.68 6.19
CA THR B 181 29.12 8.48 4.82
C THR B 181 27.65 8.03 4.77
N ILE B 182 26.84 8.72 3.96
CA ILE B 182 25.42 8.40 3.78
C ILE B 182 25.13 7.75 2.41
N LYS B 183 24.34 6.68 2.42
CA LYS B 183 23.86 6.11 1.17
C LYS B 183 22.33 6.09 1.16
N ILE B 184 21.73 6.68 0.13
CA ILE B 184 20.29 6.61 -0.04
C ILE B 184 19.93 5.17 -0.43
N ALA B 185 18.77 4.72 0.06
CA ALA B 185 18.29 3.41 -0.20
C ALA B 185 16.78 3.51 -0.34
N ASP B 186 16.17 2.37 -0.61
CA ASP B 186 14.73 2.30 -0.63
C ASP B 186 14.40 0.86 -0.29
N PHE B 187 13.75 0.66 0.88
CA PHE B 187 13.42 -0.67 1.35
C PHE B 187 12.16 -1.28 0.77
N GLY B 188 11.31 -0.47 0.14
CA GLY B 188 10.06 -0.98 -0.40
C GLY B 188 9.27 -1.76 0.66
N MET B 189 8.89 -3.00 0.31
CA MET B 189 8.10 -3.85 1.21
C MET B 189 8.96 -4.96 1.85
N SER B 190 10.27 -4.70 2.03
CA SER B 190 11.21 -5.66 2.63
C SER B 190 11.47 -5.46 4.15
N ARG B 191 11.01 -4.37 4.72
CA ARG B 191 11.46 -3.96 6.06
C ARG B 191 10.41 -3.06 6.67
N ASN B 192 9.45 -3.69 7.32
CA ASN B 192 8.24 -3.05 7.80
C ASN B 192 8.39 -2.26 9.11
N LEU B 193 9.61 -1.86 9.48
CA LEU B 193 9.81 -0.93 10.56
C LEU B 193 9.10 0.40 10.23
N TYR B 194 8.91 1.27 11.21
CA TYR B 194 8.35 2.61 10.95
C TYR B 194 6.93 2.58 10.38
N ALA B 195 6.14 1.60 10.82
CA ALA B 195 4.75 1.46 10.38
C ALA B 195 3.94 2.69 10.73
N GLY B 196 4.27 3.36 11.83
CA GLY B 196 3.64 4.63 12.20
C GLY B 196 3.87 5.78 11.23
N ASP B 197 4.81 5.62 10.30
CA ASP B 197 5.11 6.65 9.32
C ASP B 197 4.27 6.54 8.06
N TYR B 198 3.43 5.49 7.93
CA TYR B 198 2.61 5.26 6.75
C TYR B 198 1.15 5.14 7.14
N TYR B 199 0.30 5.87 6.42
CA TYR B 199 -1.11 5.90 6.67
C TYR B 199 -1.85 5.10 5.60
N ARG B 200 -2.84 4.30 6.00
CA ARG B 200 -3.67 3.58 5.05
C ARG B 200 -4.76 4.47 4.53
N VAL B 201 -4.51 5.04 3.38
CA VAL B 201 -5.48 5.94 2.79
C VAL B 201 -6.72 5.17 2.34
N GLN B 202 -6.50 4.03 1.63
CA GLN B 202 -7.44 3.26 0.75
C GLN B 202 -6.97 1.79 0.77
N GLY B 203 -7.89 0.83 0.78
CA GLY B 203 -7.59 -0.60 0.63
C GLY B 203 -6.28 -1.08 1.27
N ARG B 204 -5.28 -1.37 0.45
CA ARG B 204 -3.93 -1.78 0.88
C ARG B 204 -2.87 -0.74 0.56
N ALA B 205 -3.29 0.49 0.36
CA ALA B 205 -2.36 1.51 0.00
C ALA B 205 -1.95 2.23 1.28
N VAL B 206 -0.73 2.01 1.75
CA VAL B 206 -0.26 2.80 2.87
C VAL B 206 0.83 3.75 2.37
N LEU B 207 0.73 5.01 2.76
CA LEU B 207 1.48 6.07 2.16
C LEU B 207 2.15 6.93 3.23
N PRO B 208 3.38 7.40 2.95
CA PRO B 208 4.10 8.21 3.95
C PRO B 208 3.65 9.67 3.93
N ILE B 209 2.41 9.90 4.37
CA ILE B 209 1.76 11.21 4.18
C ILE B 209 2.49 12.41 4.82
N ARG B 210 3.20 12.21 5.93
CA ARG B 210 3.95 13.35 6.57
C ARG B 210 5.15 13.89 5.76
N TRP B 211 5.62 13.11 4.78
CA TRP B 211 6.71 13.50 3.88
C TRP B 211 6.23 13.91 2.49
N MET B 212 4.93 13.77 2.24
CA MET B 212 4.43 13.88 0.88
C MET B 212 3.95 15.30 0.56
N ALA B 213 4.33 15.80 -0.63
CA ALA B 213 3.81 17.07 -1.13
C ALA B 213 2.31 16.98 -1.28
N TRP B 214 1.66 18.12 -1.21
CA TRP B 214 0.21 18.13 -1.30
C TRP B 214 -0.29 17.46 -2.62
N GLU B 215 0.45 17.65 -3.72
CA GLU B 215 0.01 17.04 -4.98
C GLU B 215 0.13 15.53 -5.00
N CYS B 216 1.00 14.98 -4.16
CA CYS B 216 1.10 13.55 -4.02
C CYS B 216 -0.17 13.02 -3.37
N ILE B 217 -0.57 13.70 -2.28
CA ILE B 217 -1.70 13.24 -1.45
C ILE B 217 -3.00 13.41 -2.19
N LEU B 218 -3.17 14.55 -2.85
CA LEU B 218 -4.44 14.84 -3.52
C LEU B 218 -4.55 14.05 -4.82
N MET B 219 -3.44 13.95 -5.56
CA MET B 219 -3.46 13.37 -6.92
C MET B 219 -2.52 12.24 -7.23
N GLY B 220 -1.82 11.71 -6.26
CA GLY B 220 -0.88 10.63 -6.54
C GLY B 220 0.20 11.01 -7.59
N LYS B 221 0.58 12.29 -7.59
CA LYS B 221 1.58 12.80 -8.53
C LYS B 221 2.94 12.90 -7.88
N PHE B 222 3.88 12.05 -8.34
CA PHE B 222 5.22 12.01 -7.80
C PHE B 222 6.22 12.40 -8.87
N THR B 223 7.09 13.35 -8.51
CA THR B 223 8.03 13.98 -9.41
C THR B 223 9.30 14.39 -8.63
N THR B 224 10.33 14.83 -9.36
CA THR B 224 11.52 15.34 -8.69
C THR B 224 11.13 16.45 -7.71
N ALA B 225 10.14 17.27 -8.07
CA ALA B 225 9.70 18.36 -7.20
C ALA B 225 9.00 17.89 -5.94
N SER B 226 8.28 16.77 -6.01
CA SER B 226 7.79 16.18 -4.78
C SER B 226 8.96 15.53 -4.00
N ASP B 227 9.96 14.96 -4.66
CA ASP B 227 11.18 14.52 -3.96
C ASP B 227 11.84 15.72 -3.20
N VAL B 228 11.80 16.95 -3.75
CA VAL B 228 12.41 18.14 -3.13
C VAL B 228 11.62 18.40 -1.85
N TRP B 229 10.31 18.28 -1.94
CA TRP B 229 9.44 18.50 -0.78
C TRP B 229 9.78 17.51 0.33
N ALA B 230 9.89 16.23 0.01
CA ALA B 230 10.33 15.20 0.97
C ALA B 230 11.76 15.45 1.49
N PHE B 231 12.67 15.96 0.66
CA PHE B 231 13.97 16.42 1.15
C PHE B 231 13.88 17.50 2.22
N GLY B 232 13.06 18.51 2.01
CA GLY B 232 12.74 19.45 3.08
C GLY B 232 12.36 18.84 4.42
N VAL B 233 11.45 17.87 4.40
CA VAL B 233 11.01 17.19 5.62
C VAL B 233 12.16 16.32 6.18
N THR B 234 12.93 15.70 5.28
CA THR B 234 14.11 14.93 5.70
C THR B 234 15.20 15.77 6.38
N LEU B 235 15.42 16.96 5.86
CA LEU B 235 16.37 17.89 6.43
C LEU B 235 15.86 18.39 7.82
N TRP B 236 14.56 18.56 7.94
CA TRP B 236 13.93 18.89 9.22
C TRP B 236 14.21 17.77 10.22
N GLU B 237 14.02 16.52 9.80
CA GLU B 237 14.34 15.38 10.68
C GLU B 237 15.80 15.46 11.11
N VAL B 238 16.71 15.69 10.14
CA VAL B 238 18.15 15.74 10.44
C VAL B 238 18.48 16.81 11.50
N LEU B 239 17.93 18.01 11.33
CA LEU B 239 18.20 19.12 12.24
C LEU B 239 17.48 18.99 13.58
N MET B 240 16.45 18.16 13.62
CA MET B 240 15.82 17.73 14.86
C MET B 240 16.50 16.51 15.53
N LEU B 241 17.52 15.93 14.88
CA LEU B 241 18.19 14.70 15.36
C LEU B 241 17.19 13.54 15.56
N CYS B 242 16.23 13.48 14.65
CA CYS B 242 15.20 12.45 14.63
C CYS B 242 14.44 12.28 15.93
N ARG B 243 14.36 13.34 16.72
CA ARG B 243 13.72 13.26 18.04
C ARG B 243 12.20 13.36 17.98
N ALA B 244 11.63 13.76 16.84
CA ALA B 244 10.20 14.09 16.77
C ALA B 244 9.61 13.74 15.41
N GLN B 245 8.41 13.18 15.39
CA GLN B 245 7.74 12.90 14.11
C GLN B 245 7.29 14.22 13.44
N PRO B 246 7.44 14.32 12.11
CA PRO B 246 6.92 15.54 11.46
C PRO B 246 5.43 15.67 11.65
N PHE B 247 4.98 16.85 11.99
CA PHE B 247 3.57 17.08 12.31
C PHE B 247 3.05 16.16 13.41
N GLY B 248 3.92 15.85 14.37
CA GLY B 248 3.58 14.94 15.47
C GLY B 248 2.42 15.34 16.34
N GLN B 249 2.06 16.62 16.30
CA GLN B 249 0.93 17.19 17.01
CA GLN B 249 0.92 17.04 17.08
C GLN B 249 -0.39 16.91 16.29
N LEU B 250 -0.31 16.46 15.03
CA LEU B 250 -1.48 16.23 14.20
C LEU B 250 -1.75 14.75 13.92
N THR B 251 -3.01 14.34 13.93
CA THR B 251 -3.37 12.99 13.49
C THR B 251 -3.13 12.83 12.00
N ASP B 252 -3.15 11.58 11.55
CA ASP B 252 -3.02 11.28 10.13
C ASP B 252 -4.10 11.96 9.29
N GLU B 253 -5.34 11.91 9.76
CA GLU B 253 -6.43 12.58 9.05
C GLU B 253 -6.22 14.11 9.04
N GLN B 254 -5.65 14.67 10.09
CA GLN B 254 -5.29 16.12 10.09
C GLN B 254 -4.13 16.49 9.13
N VAL B 255 -3.18 15.58 8.94
CA VAL B 255 -2.13 15.76 7.94
C VAL B 255 -2.75 15.81 6.55
N ILE B 256 -3.71 14.91 6.27
CA ILE B 256 -4.39 14.92 4.97
C ILE B 256 -5.14 16.24 4.75
N GLU B 257 -5.84 16.72 5.79
CA GLU B 257 -6.56 18.00 5.69
C GLU B 257 -5.56 19.11 5.43
N ASN B 258 -4.37 19.01 6.04
CA ASN B 258 -3.34 20.06 5.83
C ASN B 258 -2.92 20.13 4.34
N ALA B 259 -2.83 18.98 3.66
CA ALA B 259 -2.55 18.99 2.20
C ALA B 259 -3.61 19.73 1.42
N GLY B 260 -4.86 19.53 1.83
CA GLY B 260 -5.95 20.26 1.24
C GLY B 260 -5.82 21.77 1.40
N GLU B 261 -5.30 22.22 2.54
CA GLU B 261 -5.08 23.67 2.74
C GLU B 261 -3.92 24.26 1.93
N PHE B 262 -2.90 23.46 1.63
CA PHE B 262 -1.90 23.88 0.59
C PHE B 262 -2.57 24.09 -0.76
N PHE B 263 -3.46 23.16 -1.11
CA PHE B 263 -4.25 23.31 -2.32
C PHE B 263 -5.10 24.58 -2.34
N ARG B 264 -5.86 24.80 -1.26
CA ARG B 264 -6.71 25.97 -1.14
C ARG B 264 -5.91 27.27 -1.08
N ASP B 265 -4.74 27.25 -0.45
CA ASP B 265 -3.80 28.38 -0.48
C ASP B 265 -4.41 29.65 0.10
N GLN B 266 -5.11 29.52 1.24
CA GLN B 266 -5.74 30.68 1.88
C GLN B 266 -5.15 30.96 3.26
N GLY B 267 -3.97 30.39 3.52
CA GLY B 267 -3.25 30.62 4.75
C GLY B 267 -3.65 29.83 5.99
N ARG B 268 -4.41 28.75 5.81
CA ARG B 268 -4.76 27.87 6.92
C ARG B 268 -3.71 26.75 7.08
N GLN B 269 -2.88 26.53 6.07
CA GLN B 269 -1.90 25.44 6.11
C GLN B 269 -0.87 25.65 7.20
N VAL B 270 -0.37 24.52 7.74
CA VAL B 270 0.57 24.50 8.85
C VAL B 270 1.91 24.00 8.26
N TYR B 271 3.00 24.72 8.54
CA TYR B 271 4.36 24.31 8.15
C TYR B 271 5.08 23.78 9.36
N LEU B 272 5.97 22.81 9.15
CA LEU B 272 6.90 22.39 10.16
C LEU B 272 7.69 23.61 10.70
N SER B 273 7.87 23.63 12.03
CA SER B 273 8.55 24.71 12.77
C SER B 273 10.04 24.68 12.59
N ARG B 274 10.69 25.83 12.78
CA ARG B 274 12.15 25.91 12.65
C ARG B 274 12.80 25.10 13.76
N PRO B 275 13.62 24.10 13.40
CA PRO B 275 14.35 23.41 14.45
C PRO B 275 15.29 24.36 15.21
N PRO B 276 15.45 24.19 16.52
CA PRO B 276 16.33 25.08 17.26
C PRO B 276 17.77 25.20 16.71
N ALA B 277 18.34 24.15 16.13
CA ALA B 277 19.72 24.28 15.57
C ALA B 277 19.75 24.88 14.15
N CYS B 278 18.59 25.22 13.61
CA CYS B 278 18.47 25.69 12.22
C CYS B 278 18.47 27.21 12.13
N PRO B 279 19.44 27.79 11.40
CA PRO B 279 19.42 29.26 11.22
C PRO B 279 18.32 29.74 10.26
N GLN B 280 17.94 31.01 10.35
CA GLN B 280 16.81 31.50 9.56
C GLN B 280 16.95 31.21 8.01
N GLY B 281 18.13 31.42 7.43
CA GLY B 281 18.30 31.21 6.00
C GLY B 281 18.09 29.76 5.56
N LEU B 282 18.61 28.81 6.33
CA LEU B 282 18.35 27.42 6.02
C LEU B 282 16.86 27.05 6.16
N TYR B 283 16.21 27.61 7.18
CA TYR B 283 14.77 27.41 7.38
C TYR B 283 13.99 27.93 6.19
N GLU B 284 14.39 29.10 5.68
CA GLU B 284 13.68 29.69 4.53
C GLU B 284 13.88 28.84 3.27
N LEU B 285 15.05 28.21 3.15
CA LEU B 285 15.27 27.28 2.02
C LEU B 285 14.34 26.05 2.13
N MET B 286 14.18 25.54 3.35
CA MET B 286 13.20 24.48 3.61
C MET B 286 11.77 24.92 3.24
N LEU B 287 11.37 26.10 3.69
CA LEU B 287 10.07 26.65 3.28
C LEU B 287 9.88 26.68 1.74
N ARG B 288 10.94 26.99 1.00
CA ARG B 288 10.86 27.00 -0.46
C ARG B 288 10.64 25.57 -1.04
N CYS B 289 11.16 24.55 -0.37
CA CYS B 289 10.88 23.14 -0.68
C CYS B 289 9.41 22.77 -0.55
N TRP B 290 8.67 23.57 0.22
CA TRP B 290 7.20 23.41 0.46
C TRP B 290 6.35 24.44 -0.27
N SER B 291 6.89 25.05 -1.34
CA SER B 291 6.11 25.99 -2.12
C SER B 291 4.93 25.22 -2.73
N ARG B 292 3.80 25.87 -2.84
CA ARG B 292 2.65 25.24 -3.49
C ARG B 292 2.99 24.81 -4.93
N GLU B 293 3.67 25.68 -5.68
CA GLU B 293 3.98 25.43 -7.09
C GLU B 293 5.31 24.69 -7.22
N SER B 294 5.27 23.56 -7.91
CA SER B 294 6.46 22.75 -8.18
C SER B 294 7.67 23.53 -8.66
N GLU B 295 7.44 24.39 -9.64
CA GLU B 295 8.50 25.11 -10.29
C GLU B 295 9.17 26.15 -9.37
N GLN B 296 8.58 26.44 -8.21
CA GLN B 296 9.20 27.33 -7.24
C GLN B 296 10.07 26.60 -6.20
N ARG B 297 10.06 25.27 -6.21
CA ARG B 297 10.88 24.52 -5.27
C ARG B 297 12.34 24.45 -5.79
N PRO B 298 13.32 24.51 -4.89
CA PRO B 298 14.71 24.53 -5.34
C PRO B 298 15.18 23.20 -5.91
N PRO B 299 15.98 23.24 -7.00
CA PRO B 299 16.54 21.98 -7.48
C PRO B 299 17.57 21.40 -6.51
N PHE B 300 17.87 20.14 -6.64
CA PHE B 300 18.83 19.50 -5.72
C PHE B 300 20.28 20.06 -5.85
N SER B 301 20.63 20.53 -7.03
CA SER B 301 21.92 21.22 -7.24
C SER B 301 22.06 22.43 -6.31
N GLN B 302 20.98 23.19 -6.18
CA GLN B 302 20.97 24.39 -5.35
C GLN B 302 20.92 24.05 -3.86
N LEU B 303 20.09 23.09 -3.50
CA LEU B 303 20.08 22.59 -2.12
C LEU B 303 21.46 22.08 -1.70
N HIS B 304 22.15 21.34 -2.58
CA HIS B 304 23.47 20.81 -2.23
C HIS B 304 24.47 21.97 -2.05
N ARG B 305 24.44 22.94 -2.95
CA ARG B 305 25.33 24.09 -2.87
C ARG B 305 25.13 24.89 -1.60
N PHE B 306 23.88 25.12 -1.22
CA PHE B 306 23.59 25.86 0.01
C PHE B 306 24.19 25.16 1.22
N LEU B 307 23.95 23.84 1.30
CA LEU B 307 24.44 23.06 2.41
C LEU B 307 25.95 22.91 2.46
N ALA B 308 26.59 22.81 1.30
CA ALA B 308 28.05 22.62 1.24
C ALA B 308 28.87 23.94 1.26
N GLU B 309 28.22 25.08 1.00
CA GLU B 309 28.90 26.36 0.94
C GLU B 309 28.28 27.40 1.90
N ASP B 310 27.11 27.93 1.54
CA ASP B 310 26.50 29.04 2.24
C ASP B 310 26.35 28.80 3.75
N ALA B 311 25.76 27.66 4.10
CA ALA B 311 25.50 27.33 5.47
C ALA B 311 26.80 27.10 6.23
N LEU B 312 27.76 26.48 5.57
CA LEU B 312 29.09 26.23 6.14
C LEU B 312 29.93 27.50 6.37
N ASN B 313 29.80 28.47 5.45
CA ASN B 313 30.56 29.71 5.55
C ASN B 313 30.00 30.68 6.57
N THR B 314 28.84 30.38 7.12
CA THR B 314 28.18 31.29 8.06
C THR B 314 27.95 30.63 9.41
N VAL B 315 28.78 29.65 9.72
CA VAL B 315 28.85 29.09 11.08
C VAL B 315 29.43 30.09 12.11
N1 0LI C . -17.85 -13.94 6.95
N3 0LI C . -16.23 1.45 3.34
C4 0LI C . -15.69 -10.00 8.09
C5 0LI C . -15.41 -8.62 8.52
C6 0LI C . -15.12 -8.26 9.80
C7 0LI C . -14.91 -6.91 10.05
C8 0LI C . -15.06 -5.94 9.03
C10 0LI C . -15.60 -7.66 7.46
C13 0LI C . -15.97 -2.79 6.02
C15 0LI C . -15.95 -0.46 5.42
C17 0LI C . -17.44 -1.94 4.26
C20 0LI C . -17.35 0.56 3.63
C21 0LI C . -16.67 2.75 2.87
C22 0LI C . -15.45 3.65 2.74
C24 0LI C . -15.19 0.87 2.51
C81 0LI C . -16.32 -15.47 5.63
C82 0LI C . -15.04 -15.53 5.12
C83 0LI C . -14.17 -14.50 5.32
N81 0LI C . -14.50 -13.38 6.02
N82 0LI C . -15.75 -13.30 6.52
C84 0LI C . -16.69 -14.29 6.34
C1 0LI C . -17.68 -12.76 7.51
C2 0LI C . -16.37 -12.36 7.27
C3 0LI C . -15.94 -11.06 7.74
C9 0LI C . -15.40 -6.31 7.72
C11 0LI C . -14.96 -9.32 10.83
C12 0LI C . -15.68 -5.33 6.59
O1 0LI C . -16.15 -5.76 5.54
N2 0LI C . -15.59 -3.91 6.87
C14 0LI C . -15.49 -1.52 6.21
C16 0LI C . -16.91 -0.68 4.43
C18 0LI C . -16.96 -3.00 5.05
C19 0LI C . -18.46 -2.23 3.17
F1 0LI C . -19.47 -1.34 3.24
F2 0LI C . -18.94 -3.49 3.24
F3 0LI C . -17.82 -2.12 2.01
C23 0LI C . -13.99 1.78 2.35
C25 0LI C . -13.34 3.98 1.59
N4 0LI C . -14.46 3.06 1.87
C1 EDO D . -13.54 12.20 -15.89
O1 EDO D . -14.91 12.53 -15.77
C2 EDO D . -13.07 11.52 -14.62
O2 EDO D . -12.74 12.47 -13.60
C1 EDO E . -7.17 -6.97 11.55
O1 EDO E . -8.25 -6.75 10.64
C2 EDO E . -6.90 -5.59 12.13
O2 EDO E . -6.64 -4.75 11.00
N1 0LI F . -1.84 13.22 -15.22
N3 0LI F . -4.53 7.88 -3.87
C4 0LI F . 0.06 9.02 -13.84
C5 0LI F . 0.57 7.75 -13.21
C6 0LI F . 1.26 6.74 -13.87
C7 0LI F . 1.67 5.64 -13.11
C8 0LI F . 1.39 5.55 -11.72
C10 0LI F . 0.28 7.67 -11.81
C13 0LI F . -1.58 7.06 -7.93
C15 0LI F . -3.57 6.96 -6.56
C17 0LI F . -1.44 6.69 -5.53
C20 0LI F . -3.69 6.66 -4.14
C21 0LI F . -5.54 7.62 -2.80
C22 0LI F . -6.51 8.79 -2.48
C24 0LI F . -3.94 9.20 -3.70
C81 0LI F . -1.56 13.28 -17.75
C82 0LI F . -1.07 12.51 -18.82
C83 0LI F . -0.50 11.28 -18.61
N81 0LI F . -0.40 10.78 -17.35
N82 0LI F . -0.87 11.52 -16.28
C84 0LI F . -1.47 12.75 -16.44
C1 0LI F . -1.50 12.34 -14.28
C2 0LI F . -0.89 11.25 -14.93
C3 0LI F . -0.36 10.01 -14.31
C9 0LI F . 0.72 6.60 -11.07
C11 0LI F . 1.54 6.88 -15.33
C12 0LI F . 0.30 6.62 -9.61
O1 0LI F . 1.08 6.16 -8.77
N2 0LI F . -1.01 7.11 -9.24
C14 0LI F . -2.93 7.06 -7.79
C16 0LI F . -2.83 6.77 -5.43
C18 0LI F . -0.79 6.82 -6.77
C19 0LI F . -0.63 6.44 -4.30
F1 0LI F . -0.82 7.56 -3.55
F2 0LI F . 0.64 6.29 -4.72
F3 0LI F . -1.13 5.31 -3.66
C23 0LI F . -5.05 10.24 -3.69
C25 0LI F . -6.84 11.22 -2.24
N4 0LI F . -5.91 10.11 -2.55
N1 0LI G . 23.21 -1.96 4.84
N3 0LI G . 14.28 3.83 -7.01
C4 0LI G . 20.10 -3.00 1.52
C5 0LI G . 19.44 -3.21 0.21
C6 0LI G . 19.44 -4.37 -0.49
C7 0LI G . 18.82 -4.37 -1.73
C8 0LI G . 18.24 -3.21 -2.25
C10 0LI G . 18.89 -1.97 -0.31
C13 0LI G . 16.70 0.47 -4.20
C15 0LI G . 15.49 1.51 -5.97
C17 0LI G . 17.10 2.84 -4.74
C20 0LI G . 15.71 3.90 -6.63
C21 0LI G . 14.00 4.77 -8.15
C22 0LI G . 12.52 4.69 -8.56
C24 0LI G . 13.34 4.02 -5.91
C81 0LI G . 22.10 -1.80 7.10
C82 0LI G . 20.90 -1.95 7.71
C83 0LI G . 19.79 -2.29 6.99
N81 0LI G . 19.84 -2.48 5.66
N82 0LI G . 21.02 -2.36 5.03
C84 0LI G . 22.15 -2.02 5.72
C1 0LI G . 22.74 -2.23 3.63
C2 0LI G . 21.37 -2.52 3.76
C3 0LI G . 20.64 -2.81 2.51
C9 0LI G . 18.23 -2.01 -1.52
C11 0LI G . 20.08 -5.60 0.13
C12 0LI G . 17.73 -0.69 -2.11
O1 0LI G . 17.97 0.34 -1.53
N2 0LI G . 17.14 -0.67 -3.42
C14 0LI G . 15.79 0.37 -5.22
C16 0LI G . 16.15 2.73 -5.72
C18 0LI G . 17.39 1.69 -3.99
C19 0LI G . 17.83 4.15 -4.39
F1 0LI G . 18.31 4.76 -5.49
F2 0LI G . 18.81 3.96 -3.44
F3 0LI G . 16.97 4.98 -3.83
C23 0LI G . 11.87 4.00 -6.30
C25 0LI G . 10.22 4.80 -7.89
N4 0LI G . 11.60 4.89 -7.42
C1 EDO H . 1.60 20.56 -8.20
O1 EDO H . 1.51 19.88 -9.46
C2 EDO H . 1.42 22.07 -8.37
O2 EDO H . 2.65 22.62 -8.84
#